data_5ZGG
#
_entry.id   5ZGG
#
loop_
_entity.id
_entity.type
_entity.pdbx_description
1 polymer 'Tumor necrosis factor receptor superfamily member 16'
2 non-polymer (2E)-1-(2-hydroxyphenyl)-3-(pyridin-3-yl)prop-2-en-1-one
#
_entity_poly.entity_id   1
_entity_poly.type   'polypeptide(L)'
_entity_poly.pdbx_seq_one_letter_code
;TRGTTDNLIPVYCSILAAVVVGLVAYIAFKRWNS
;
_entity_poly.pdbx_strand_id   A,B
#
# COMPACT_ATOMS: atom_id res chain seq x y z
N THR A 1 21.42 12.70 9.66
CA THR A 1 20.72 11.62 8.93
C THR A 1 19.19 11.60 9.18
N ARG A 2 18.53 12.78 9.22
CA ARG A 2 17.06 12.92 9.37
C ARG A 2 16.35 13.12 8.01
N GLY A 3 17.04 13.73 7.04
CA GLY A 3 16.52 13.99 5.69
C GLY A 3 16.73 12.84 4.68
N THR A 4 17.26 11.70 5.11
CA THR A 4 17.68 10.57 4.24
C THR A 4 17.30 9.18 4.81
N THR A 5 16.43 9.15 5.82
CA THR A 5 15.93 7.92 6.49
C THR A 5 14.45 8.01 6.82
N ASP A 6 14.00 9.14 7.37
CA ASP A 6 12.59 9.40 7.75
C ASP A 6 11.98 10.57 6.95
N ASN A 7 12.60 10.95 5.84
CA ASN A 7 12.05 11.86 4.83
C ASN A 7 11.57 11.12 3.57
N LEU A 8 11.64 9.78 3.57
CA LEU A 8 11.17 8.93 2.48
C LEU A 8 9.64 8.77 2.46
N ILE A 9 8.87 9.49 3.29
CA ILE A 9 7.38 9.47 3.31
C ILE A 9 6.71 9.59 1.92
N PRO A 10 7.09 10.54 1.04
CA PRO A 10 6.53 10.62 -0.30
C PRO A 10 6.92 9.41 -1.17
N VAL A 11 8.17 8.94 -1.04
CA VAL A 11 8.70 7.82 -1.85
C VAL A 11 8.11 6.48 -1.39
N TYR A 12 7.90 6.31 -0.08
CA TYR A 12 7.30 5.13 0.53
C TYR A 12 5.90 4.91 -0.03
N CYS A 13 5.02 5.91 -0.01
CA CYS A 13 3.66 5.74 -0.53
C CYS A 13 3.61 5.27 -2.00
N SER A 14 4.65 5.55 -2.79
CA SER A 14 4.82 5.03 -4.16
C SER A 14 5.27 3.55 -4.18
N ILE A 15 6.44 3.22 -3.62
CA ILE A 15 6.98 1.84 -3.61
C ILE A 15 6.09 0.88 -2.80
N LEU A 16 5.56 1.34 -1.66
CA LEU A 16 4.68 0.59 -0.78
C LEU A 16 3.35 0.29 -1.47
N ALA A 17 2.78 1.23 -2.24
CA ALA A 17 1.59 0.94 -3.06
C ALA A 17 1.86 -0.15 -4.12
N ALA A 18 3.02 -0.15 -4.79
CA ALA A 18 3.36 -1.19 -5.76
C ALA A 18 3.68 -2.55 -5.10
N VAL A 19 4.43 -2.55 -3.99
CA VAL A 19 4.80 -3.75 -3.23
C VAL A 19 3.58 -4.38 -2.55
N VAL A 20 2.78 -3.60 -1.80
CA VAL A 20 1.58 -4.09 -1.10
C VAL A 20 0.55 -4.66 -2.06
N VAL A 21 0.30 -4.02 -3.22
CA VAL A 21 -0.61 -4.56 -4.25
C VAL A 21 -0.13 -5.90 -4.80
N GLY A 22 1.16 -6.02 -5.16
CA GLY A 22 1.75 -7.29 -5.58
C GLY A 22 1.70 -8.35 -4.48
N LEU A 23 1.88 -7.94 -3.22
CA LEU A 23 1.76 -8.81 -2.05
C LEU A 23 0.34 -9.35 -1.86
N VAL A 24 -0.71 -8.51 -1.99
CA VAL A 24 -2.10 -8.94 -1.83
C VAL A 24 -2.44 -10.14 -2.71
N ALA A 25 -2.04 -10.13 -3.99
CA ALA A 25 -2.22 -11.28 -4.87
C ALA A 25 -1.27 -12.44 -4.54
N TYR A 26 0.02 -12.16 -4.29
CA TYR A 26 1.04 -13.18 -4.03
C TYR A 26 0.81 -13.94 -2.70
N ILE A 27 0.76 -13.23 -1.58
CA ILE A 27 0.54 -13.79 -0.24
C ILE A 27 -0.76 -14.58 -0.19
N ALA A 28 -1.83 -14.04 -0.78
CA ALA A 28 -3.10 -14.74 -0.86
C ALA A 28 -2.98 -16.05 -1.62
N PHE A 29 -2.40 -16.03 -2.82
CA PHE A 29 -2.20 -17.25 -3.62
C PHE A 29 -1.27 -18.25 -2.92
N LYS A 30 -0.21 -17.79 -2.25
CA LYS A 30 0.66 -18.62 -1.42
C LYS A 30 -0.10 -19.30 -0.28
N ARG A 31 -0.93 -18.58 0.48
CA ARG A 31 -1.73 -19.16 1.59
C ARG A 31 -2.93 -19.98 1.12
N TRP A 32 -3.42 -19.75 -0.11
CA TRP A 32 -4.47 -20.54 -0.74
C TRP A 32 -3.99 -21.82 -1.44
N ASN A 33 -2.73 -21.85 -1.92
CA ASN A 33 -2.13 -23.02 -2.61
C ASN A 33 -1.12 -23.79 -1.73
N SER A 34 -0.77 -23.27 -0.55
CA SER A 34 0.07 -23.90 0.50
C SER A 34 -0.39 -25.32 0.86
N THR B 1 -2.74 15.89 -16.94
CA THR B 1 -2.58 16.85 -15.83
C THR B 1 -3.61 17.98 -15.92
N ARG B 2 -4.92 17.66 -15.83
CA ARG B 2 -6.00 18.66 -15.82
C ARG B 2 -5.97 19.53 -14.55
N GLY B 3 -5.49 18.97 -13.43
CA GLY B 3 -5.39 19.67 -12.14
C GLY B 3 -6.61 19.52 -11.23
N THR B 4 -7.63 18.76 -11.67
CA THR B 4 -8.91 18.53 -10.95
C THR B 4 -9.37 17.06 -11.00
N THR B 5 -8.52 16.16 -11.52
CA THR B 5 -8.79 14.71 -11.70
C THR B 5 -7.56 13.87 -11.41
N ASP B 6 -6.40 14.34 -11.88
CA ASP B 6 -5.07 13.70 -11.79
C ASP B 6 -4.09 14.55 -10.97
N ASN B 7 -4.63 15.41 -10.09
CA ASN B 7 -3.85 16.14 -9.08
C ASN B 7 -4.04 15.56 -7.66
N LEU B 8 -4.98 14.63 -7.47
CA LEU B 8 -5.29 13.99 -6.18
C LEU B 8 -4.23 12.94 -5.74
N ILE B 9 -2.98 13.07 -6.19
CA ILE B 9 -1.86 12.20 -5.80
C ILE B 9 -1.60 12.18 -4.27
N PRO B 10 -1.49 13.34 -3.57
CA PRO B 10 -1.22 13.37 -2.13
C PRO B 10 -2.43 12.95 -1.27
N VAL B 11 -3.62 13.46 -1.59
CA VAL B 11 -4.91 13.07 -0.96
C VAL B 11 -5.17 11.57 -1.07
N TYR B 12 -4.89 10.94 -2.22
CA TYR B 12 -4.99 9.48 -2.34
C TYR B 12 -4.11 8.80 -1.29
N CYS B 13 -2.83 9.18 -1.17
CA CYS B 13 -1.95 8.59 -0.16
C CYS B 13 -2.52 8.65 1.27
N SER B 14 -3.28 9.68 1.64
CA SER B 14 -3.93 9.77 2.97
C SER B 14 -4.97 8.67 3.18
N ILE B 15 -6.04 8.64 2.37
CA ILE B 15 -7.12 7.65 2.46
C ILE B 15 -6.61 6.24 2.14
N LEU B 16 -5.71 6.11 1.17
CA LEU B 16 -5.09 4.86 0.75
C LEU B 16 -4.23 4.29 1.87
N ALA B 17 -3.37 5.09 2.54
CA ALA B 17 -2.62 4.62 3.71
C ALA B 17 -3.55 4.14 4.84
N ALA B 18 -4.64 4.85 5.13
CA ALA B 18 -5.58 4.43 6.18
C ALA B 18 -6.38 3.16 5.82
N VAL B 19 -6.83 3.05 4.56
CA VAL B 19 -7.58 1.89 4.04
C VAL B 19 -6.67 0.67 3.89
N VAL B 20 -5.53 0.80 3.20
CA VAL B 20 -4.55 -0.27 2.95
C VAL B 20 -3.98 -0.83 4.26
N VAL B 21 -3.66 0.00 5.26
CA VAL B 21 -3.22 -0.45 6.59
C VAL B 21 -4.30 -1.27 7.30
N GLY B 22 -5.55 -0.81 7.33
CA GLY B 22 -6.66 -1.57 7.91
C GLY B 22 -6.94 -2.87 7.15
N LEU B 23 -6.76 -2.86 5.83
CA LEU B 23 -6.90 -4.04 4.97
C LEU B 23 -5.79 -5.08 5.20
N VAL B 24 -4.55 -4.66 5.51
CA VAL B 24 -3.42 -5.60 5.72
C VAL B 24 -3.71 -6.60 6.84
N ALA B 25 -4.43 -6.18 7.88
CA ALA B 25 -4.86 -7.05 8.97
C ALA B 25 -6.08 -7.91 8.56
N TYR B 26 -7.05 -7.35 7.85
CA TYR B 26 -8.27 -8.05 7.44
C TYR B 26 -8.02 -9.12 6.36
N ILE B 27 -7.42 -8.73 5.22
CA ILE B 27 -7.09 -9.61 4.10
C ILE B 27 -6.17 -10.74 4.56
N ALA B 28 -5.12 -10.43 5.34
CA ALA B 28 -4.26 -11.46 5.93
C ALA B 28 -5.08 -12.43 6.79
N PHE B 29 -5.90 -11.96 7.74
CA PHE B 29 -6.67 -12.86 8.59
C PHE B 29 -7.68 -13.71 7.79
N LYS B 30 -8.35 -13.14 6.78
CA LYS B 30 -9.25 -13.86 5.84
C LYS B 30 -8.53 -14.93 5.03
N ARG B 31 -7.35 -14.63 4.46
CA ARG B 31 -6.52 -15.59 3.73
C ARG B 31 -5.85 -16.64 4.64
N TRP B 32 -5.63 -16.32 5.92
CA TRP B 32 -5.05 -17.24 6.91
C TRP B 32 -6.09 -18.25 7.43
N ASN B 33 -7.32 -17.80 7.71
CA ASN B 33 -8.41 -18.68 8.17
C ASN B 33 -9.04 -19.52 7.05
N SER B 34 -8.92 -19.10 5.78
CA SER B 34 -9.33 -19.86 4.59
C SER B 34 -8.68 -21.26 4.54
N THR A 1 23.67 11.85 7.02
CA THR A 1 22.74 10.78 6.56
C THR A 1 21.30 10.96 7.07
N ARG A 2 20.77 12.20 7.04
CA ARG A 2 19.36 12.53 7.42
C ARG A 2 18.43 12.63 6.21
N GLY A 3 18.95 13.17 5.10
CA GLY A 3 18.24 13.30 3.81
C GLY A 3 18.11 12.02 2.98
N THR A 4 18.67 10.89 3.46
CA THR A 4 18.74 9.61 2.72
C THR A 4 18.36 8.38 3.59
N THR A 5 17.71 8.60 4.75
CA THR A 5 17.26 7.57 5.72
C THR A 5 15.87 7.87 6.31
N ASP A 6 15.55 9.14 6.58
CA ASP A 6 14.23 9.58 7.10
C ASP A 6 13.55 10.66 6.24
N ASN A 7 14.07 10.87 5.02
CA ASN A 7 13.45 11.68 3.97
C ASN A 7 12.80 10.83 2.86
N LEU A 8 12.76 9.51 3.03
CA LEU A 8 12.10 8.52 2.17
C LEU A 8 10.57 8.45 2.35
N ILE A 9 9.95 9.44 3.01
CA ILE A 9 8.50 9.51 3.22
C ILE A 9 7.69 9.59 1.90
N PRO A 10 8.01 10.48 0.93
CA PRO A 10 7.31 10.53 -0.35
C PRO A 10 7.64 9.30 -1.22
N VAL A 11 8.91 8.89 -1.26
CA VAL A 11 9.35 7.72 -2.06
C VAL A 11 8.68 6.44 -1.55
N TYR A 12 8.51 6.28 -0.23
CA TYR A 12 7.80 5.15 0.37
C TYR A 12 6.38 5.05 -0.15
N CYS A 13 5.58 6.11 -0.08
CA CYS A 13 4.18 6.03 -0.53
C CYS A 13 4.03 5.55 -1.99
N SER A 14 5.04 5.78 -2.84
CA SER A 14 5.11 5.25 -4.21
C SER A 14 5.51 3.77 -4.26
N ILE A 15 6.69 3.39 -3.76
CA ILE A 15 7.18 1.99 -3.78
C ILE A 15 6.32 1.05 -2.93
N LEU A 16 5.83 1.51 -1.79
CA LEU A 16 4.97 0.78 -0.88
C LEU A 16 3.61 0.51 -1.53
N ALA A 17 3.04 1.46 -2.28
CA ALA A 17 1.83 1.21 -3.07
C ALA A 17 2.02 0.09 -4.11
N ALA A 18 3.17 0.06 -4.81
CA ALA A 18 3.47 -1.00 -5.79
C ALA A 18 3.75 -2.36 -5.12
N VAL A 19 4.55 -2.37 -4.04
CA VAL A 19 4.92 -3.57 -3.27
C VAL A 19 3.72 -4.18 -2.56
N VAL A 20 2.94 -3.38 -1.81
CA VAL A 20 1.76 -3.84 -1.05
C VAL A 20 0.66 -4.38 -1.98
N VAL A 21 0.41 -3.73 -3.13
CA VAL A 21 -0.54 -4.23 -4.15
C VAL A 21 -0.10 -5.58 -4.71
N GLY A 22 1.17 -5.72 -5.10
CA GLY A 22 1.73 -6.99 -5.55
C GLY A 22 1.68 -8.07 -4.46
N LEU A 23 1.90 -7.67 -3.21
CA LEU A 23 1.79 -8.56 -2.04
C LEU A 23 0.36 -9.08 -1.84
N VAL A 24 -0.68 -8.24 -1.96
CA VAL A 24 -2.08 -8.67 -1.80
C VAL A 24 -2.41 -9.86 -2.69
N ALA A 25 -2.03 -9.83 -3.96
CA ALA A 25 -2.24 -10.96 -4.87
C ALA A 25 -1.28 -12.14 -4.57
N TYR A 26 0.01 -11.86 -4.32
CA TYR A 26 1.03 -12.89 -4.08
C TYR A 26 0.81 -13.67 -2.77
N ILE A 27 0.75 -12.98 -1.63
CA ILE A 27 0.53 -13.57 -0.30
C ILE A 27 -0.78 -14.36 -0.27
N ALA A 28 -1.85 -13.80 -0.86
CA ALA A 28 -3.12 -14.50 -0.95
C ALA A 28 -3.00 -15.80 -1.73
N PHE A 29 -2.41 -15.76 -2.92
CA PHE A 29 -2.22 -16.96 -3.73
C PHE A 29 -1.29 -17.98 -3.06
N LYS A 30 -0.22 -17.53 -2.39
CA LYS A 30 0.65 -18.38 -1.56
C LYS A 30 -0.11 -19.07 -0.45
N ARG A 31 -0.93 -18.36 0.34
CA ARG A 31 -1.73 -18.96 1.43
C ARG A 31 -2.92 -19.80 0.93
N TRP A 32 -3.41 -19.56 -0.28
CA TRP A 32 -4.46 -20.35 -0.94
C TRP A 32 -3.95 -21.61 -1.67
N ASN A 33 -2.71 -21.62 -2.16
CA ASN A 33 -2.07 -22.77 -2.84
C ASN A 33 -1.04 -23.53 -1.96
N SER A 34 -0.79 -23.04 -0.74
CA SER A 34 0.04 -23.70 0.30
C SER A 34 -0.40 -25.13 0.67
N THR B 1 -5.20 12.88 -17.67
CA THR B 1 -4.85 14.23 -17.18
C THR B 1 -5.96 15.25 -17.46
N ARG B 2 -7.18 15.03 -16.91
CA ARG B 2 -8.30 15.99 -17.02
C ARG B 2 -8.06 17.31 -16.27
N GLY B 3 -7.20 17.27 -15.23
CA GLY B 3 -6.83 18.43 -14.40
C GLY B 3 -7.48 18.42 -13.02
N THR B 4 -8.65 17.80 -12.90
CA THR B 4 -9.48 17.74 -11.67
C THR B 4 -9.79 16.28 -11.29
N THR B 5 -8.80 15.40 -11.44
CA THR B 5 -8.87 13.96 -11.11
C THR B 5 -7.48 13.36 -10.85
N ASP B 6 -6.49 13.78 -11.64
CA ASP B 6 -5.06 13.40 -11.53
C ASP B 6 -4.25 14.34 -10.61
N ASN B 7 -4.95 15.11 -9.76
CA ASN B 7 -4.35 15.95 -8.73
C ASN B 7 -4.59 15.42 -7.30
N LEU B 8 -5.23 14.25 -7.18
CA LEU B 8 -5.45 13.53 -5.92
C LEU B 8 -4.22 12.73 -5.44
N ILE B 9 -3.02 13.01 -5.96
CA ILE B 9 -1.77 12.33 -5.54
C ILE B 9 -1.46 12.49 -4.03
N PRO B 10 -1.48 13.71 -3.43
CA PRO B 10 -1.24 13.87 -2.00
C PRO B 10 -2.39 13.29 -1.17
N VAL B 11 -3.64 13.50 -1.59
CA VAL B 11 -4.84 13.02 -0.86
C VAL B 11 -4.92 11.48 -0.88
N TYR B 12 -4.56 10.83 -2.00
CA TYR B 12 -4.48 9.38 -2.11
C TYR B 12 -3.51 8.82 -1.08
N CYS B 13 -2.29 9.36 -0.98
CA CYS B 13 -1.33 8.87 0.02
C CYS B 13 -1.87 8.87 1.46
N SER B 14 -2.83 9.74 1.79
CA SER B 14 -3.54 9.73 3.07
C SER B 14 -4.64 8.65 3.15
N ILE B 15 -5.66 8.70 2.30
CA ILE B 15 -6.79 7.74 2.31
C ILE B 15 -6.35 6.32 2.00
N LEU B 16 -5.42 6.15 1.06
CA LEU B 16 -4.86 4.86 0.67
C LEU B 16 -4.04 4.29 1.82
N ALA B 17 -3.19 5.08 2.50
CA ALA B 17 -2.50 4.61 3.70
C ALA B 17 -3.48 4.16 4.81
N ALA B 18 -4.56 4.90 5.06
CA ALA B 18 -5.56 4.53 6.07
C ALA B 18 -6.38 3.28 5.70
N VAL B 19 -6.80 3.16 4.44
CA VAL B 19 -7.56 2.02 3.91
C VAL B 19 -6.67 0.77 3.81
N VAL B 20 -5.52 0.86 3.14
CA VAL B 20 -4.55 -0.23 2.94
C VAL B 20 -4.01 -0.78 4.26
N VAL B 21 -3.73 0.06 5.27
CA VAL B 21 -3.34 -0.38 6.63
C VAL B 21 -4.44 -1.20 7.30
N GLY B 22 -5.69 -0.72 7.29
CA GLY B 22 -6.81 -1.48 7.84
C GLY B 22 -7.08 -2.79 7.08
N LEU B 23 -6.86 -2.77 5.76
CA LEU B 23 -6.98 -3.95 4.90
C LEU B 23 -5.87 -4.97 5.13
N VAL B 24 -4.64 -4.57 5.46
CA VAL B 24 -3.51 -5.49 5.69
C VAL B 24 -3.80 -6.50 6.79
N ALA B 25 -4.53 -6.08 7.82
CA ALA B 25 -4.98 -6.95 8.90
C ALA B 25 -6.17 -7.83 8.48
N TYR B 26 -7.16 -7.25 7.77
CA TYR B 26 -8.37 -7.96 7.35
C TYR B 26 -8.10 -9.01 6.27
N ILE B 27 -7.50 -8.62 5.14
CA ILE B 27 -7.16 -9.50 4.01
C ILE B 27 -6.23 -10.62 4.48
N ALA B 28 -5.20 -10.31 5.27
CA ALA B 28 -4.34 -11.34 5.85
C ALA B 28 -5.15 -12.33 6.69
N PHE B 29 -5.96 -11.86 7.64
CA PHE B 29 -6.75 -12.76 8.49
C PHE B 29 -7.75 -13.62 7.68
N LYS B 30 -8.41 -13.04 6.68
CA LYS B 30 -9.30 -13.76 5.74
C LYS B 30 -8.57 -14.82 4.92
N ARG B 31 -7.41 -14.51 4.35
CA ARG B 31 -6.58 -15.48 3.61
C ARG B 31 -5.91 -16.52 4.52
N TRP B 32 -5.65 -16.20 5.79
CA TRP B 32 -5.09 -17.14 6.77
C TRP B 32 -6.13 -18.15 7.26
N ASN B 33 -7.36 -17.71 7.57
CA ASN B 33 -8.44 -18.60 8.01
C ASN B 33 -9.08 -19.43 6.87
N SER B 34 -8.88 -19.03 5.60
CA SER B 34 -9.36 -19.77 4.41
C SER B 34 -8.69 -21.14 4.26
N THR A 1 23.56 11.02 7.86
CA THR A 1 22.60 10.16 7.12
C THR A 1 21.14 10.29 7.62
N ARG A 2 20.69 11.51 7.94
CA ARG A 2 19.29 11.80 8.33
C ARG A 2 18.41 12.22 7.15
N GLY A 3 19.00 12.92 6.18
CA GLY A 3 18.32 13.35 4.94
C GLY A 3 18.19 12.27 3.85
N THR A 4 18.74 11.08 4.08
CA THR A 4 18.83 9.96 3.12
C THR A 4 18.41 8.60 3.70
N THR A 5 17.68 8.61 4.83
CA THR A 5 17.18 7.41 5.53
C THR A 5 15.75 7.62 6.06
N ASP A 6 15.46 8.78 6.67
CA ASP A 6 14.14 9.15 7.21
C ASP A 6 13.53 10.40 6.54
N ASN A 7 14.07 10.78 5.37
CA ASN A 7 13.49 11.77 4.48
C ASN A 7 12.81 11.13 3.25
N LEU A 8 12.79 9.80 3.17
CA LEU A 8 12.17 9.04 2.09
C LEU A 8 10.63 8.97 2.20
N ILE A 9 10.00 9.70 3.12
CA ILE A 9 8.53 9.75 3.32
C ILE A 9 7.71 9.95 2.02
N PRO A 10 8.04 10.91 1.12
CA PRO A 10 7.31 11.05 -0.15
C PRO A 10 7.57 9.87 -1.09
N VAL A 11 8.79 9.32 -1.10
CA VAL A 11 9.17 8.17 -1.96
C VAL A 11 8.53 6.87 -1.47
N TYR A 12 8.38 6.71 -0.15
CA TYR A 12 7.76 5.54 0.49
C TYR A 12 6.36 5.34 -0.05
N CYS A 13 5.50 6.35 -0.05
CA CYS A 13 4.15 6.23 -0.63
C CYS A 13 4.15 5.63 -2.05
N SER A 14 5.15 5.94 -2.88
CA SER A 14 5.29 5.39 -4.23
C SER A 14 5.71 3.91 -4.24
N ILE A 15 6.87 3.57 -3.66
CA ILE A 15 7.39 2.18 -3.62
C ILE A 15 6.48 1.26 -2.80
N LEU A 16 5.95 1.75 -1.67
CA LEU A 16 5.04 1.02 -0.79
C LEU A 16 3.72 0.75 -1.50
N ALA A 17 3.16 1.70 -2.26
CA ALA A 17 1.98 1.43 -3.08
C ALA A 17 2.22 0.32 -4.12
N ALA A 18 3.37 0.31 -4.80
CA ALA A 18 3.71 -0.73 -5.77
C ALA A 18 3.97 -2.10 -5.12
N VAL A 19 4.71 -2.12 -4.01
CA VAL A 19 5.04 -3.34 -3.24
C VAL A 19 3.81 -3.94 -2.57
N VAL A 20 3.04 -3.13 -1.82
CA VAL A 20 1.82 -3.57 -1.11
C VAL A 20 0.75 -4.08 -2.07
N VAL A 21 0.53 -3.43 -3.22
CA VAL A 21 -0.40 -3.91 -4.27
C VAL A 21 0.02 -5.26 -4.82
N GLY A 22 1.30 -5.42 -5.19
CA GLY A 22 1.84 -6.70 -5.64
C GLY A 22 1.75 -7.78 -4.57
N LEU A 23 1.96 -7.41 -3.30
CA LEU A 23 1.81 -8.31 -2.16
C LEU A 23 0.36 -8.77 -1.96
N VAL A 24 -0.64 -7.89 -2.05
CA VAL A 24 -2.06 -8.25 -1.89
C VAL A 24 -2.45 -9.39 -2.83
N ALA A 25 -2.09 -9.31 -4.10
CA ALA A 25 -2.35 -10.40 -5.05
C ALA A 25 -1.44 -11.63 -4.80
N TYR A 26 -0.15 -11.43 -4.54
CA TYR A 26 0.82 -12.52 -4.34
C TYR A 26 0.57 -13.34 -3.07
N ILE A 27 0.55 -12.69 -1.90
CA ILE A 27 0.31 -13.33 -0.59
C ILE A 27 -1.04 -14.05 -0.59
N ALA A 28 -2.09 -13.41 -1.13
CA ALA A 28 -3.39 -14.03 -1.22
C ALA A 28 -3.35 -15.30 -2.06
N PHE A 29 -2.76 -15.23 -3.26
CA PHE A 29 -2.63 -16.40 -4.14
C PHE A 29 -1.77 -17.50 -3.53
N LYS A 30 -0.66 -17.14 -2.86
CA LYS A 30 0.18 -18.08 -2.10
C LYS A 30 -0.60 -18.81 -1.01
N ARG A 31 -1.40 -18.10 -0.19
CA ARG A 31 -2.21 -18.72 0.87
C ARG A 31 -3.46 -19.46 0.34
N TRP A 32 -3.92 -19.13 -0.87
CA TRP A 32 -5.02 -19.83 -1.56
C TRP A 32 -4.58 -21.07 -2.36
N ASN A 33 -3.33 -21.13 -2.85
CA ASN A 33 -2.78 -22.27 -3.61
C ASN A 33 -1.79 -23.13 -2.78
N SER A 34 -1.46 -22.71 -1.55
CA SER A 34 -0.67 -23.47 -0.55
C SER A 34 -1.23 -24.88 -0.27
N THR B 1 -8.46 18.21 -18.71
CA THR B 1 -8.74 17.33 -17.53
C THR B 1 -7.53 17.18 -16.62
N ARG B 2 -6.78 18.27 -16.34
CA ARG B 2 -5.51 18.24 -15.59
C ARG B 2 -5.46 19.36 -14.53
N GLY B 3 -5.39 18.97 -13.25
CA GLY B 3 -5.47 19.87 -12.09
C GLY B 3 -6.59 19.56 -11.09
N THR B 4 -7.64 18.83 -11.51
CA THR B 4 -8.83 18.52 -10.69
C THR B 4 -9.30 17.05 -10.84
N THR B 5 -8.48 16.18 -11.44
CA THR B 5 -8.77 14.76 -11.74
C THR B 5 -7.55 13.86 -11.49
N ASP B 6 -6.37 14.33 -11.88
CA ASP B 6 -5.06 13.67 -11.76
C ASP B 6 -4.06 14.54 -10.96
N ASN B 7 -4.59 15.42 -10.11
CA ASN B 7 -3.83 16.16 -9.10
C ASN B 7 -4.05 15.62 -7.67
N LEU B 8 -5.00 14.69 -7.50
CA LEU B 8 -5.32 14.04 -6.21
C LEU B 8 -4.29 12.97 -5.80
N ILE B 9 -3.02 13.09 -6.22
CA ILE B 9 -1.93 12.16 -5.86
C ILE B 9 -1.67 12.12 -4.33
N PRO B 10 -1.53 13.25 -3.60
CA PRO B 10 -1.26 13.24 -2.15
C PRO B 10 -2.48 12.83 -1.31
N VAL B 11 -3.66 13.37 -1.63
CA VAL B 11 -4.95 13.02 -0.99
C VAL B 11 -5.26 11.52 -1.14
N TYR B 12 -5.01 10.91 -2.31
CA TYR B 12 -5.15 9.47 -2.44
C TYR B 12 -4.27 8.75 -1.43
N CYS B 13 -2.98 9.09 -1.35
CA CYS B 13 -2.07 8.47 -0.38
C CYS B 13 -2.57 8.55 1.08
N SER B 14 -3.28 9.62 1.46
CA SER B 14 -3.85 9.77 2.81
C SER B 14 -4.93 8.72 3.12
N ILE B 15 -6.03 8.71 2.34
CA ILE B 15 -7.13 7.74 2.52
C ILE B 15 -6.69 6.31 2.19
N LEU B 16 -5.84 6.14 1.17
CA LEU B 16 -5.30 4.86 0.75
C LEU B 16 -4.40 4.27 1.83
N ALA B 17 -3.49 5.05 2.44
CA ALA B 17 -2.69 4.57 3.57
C ALA B 17 -3.57 4.12 4.75
N ALA B 18 -4.62 4.87 5.10
CA ALA B 18 -5.53 4.48 6.19
C ALA B 18 -6.37 3.22 5.87
N VAL B 19 -6.88 3.11 4.64
CA VAL B 19 -7.68 1.96 4.16
C VAL B 19 -6.79 0.72 4.00
N VAL B 20 -5.69 0.81 3.26
CA VAL B 20 -4.74 -0.28 2.98
C VAL B 20 -4.09 -0.83 4.25
N VAL B 21 -3.74 0.02 5.23
CA VAL B 21 -3.23 -0.42 6.55
C VAL B 21 -4.28 -1.24 7.31
N GLY B 22 -5.52 -0.75 7.39
CA GLY B 22 -6.61 -1.52 8.03
C GLY B 22 -6.91 -2.83 7.29
N LEU B 23 -6.79 -2.82 5.97
CA LEU B 23 -6.97 -3.99 5.12
C LEU B 23 -5.85 -5.04 5.28
N VAL B 24 -4.60 -4.63 5.54
CA VAL B 24 -3.45 -5.56 5.69
C VAL B 24 -3.70 -6.58 6.80
N ALA B 25 -4.38 -6.17 7.87
CA ALA B 25 -4.76 -7.07 8.97
C ALA B 25 -5.98 -7.94 8.59
N TYR B 26 -7.00 -7.35 7.95
CA TYR B 26 -8.24 -8.06 7.57
C TYR B 26 -8.02 -9.11 6.47
N ILE B 27 -7.47 -8.69 5.31
CA ILE B 27 -7.19 -9.55 4.15
C ILE B 27 -6.24 -10.68 4.54
N ALA B 28 -5.17 -10.39 5.29
CA ALA B 28 -4.29 -11.43 5.81
C ALA B 28 -5.05 -12.41 6.68
N PHE B 29 -5.81 -11.96 7.68
CA PHE B 29 -6.55 -12.88 8.55
C PHE B 29 -7.59 -13.72 7.79
N LYS B 30 -8.29 -13.13 6.83
CA LYS B 30 -9.21 -13.83 5.91
C LYS B 30 -8.52 -14.90 5.06
N ARG B 31 -7.39 -14.57 4.42
CA ARG B 31 -6.60 -15.56 3.65
C ARG B 31 -5.88 -16.60 4.52
N TRP B 32 -5.58 -16.28 5.78
CA TRP B 32 -4.95 -17.21 6.73
C TRP B 32 -5.96 -18.23 7.32
N ASN B 33 -7.18 -17.78 7.67
CA ASN B 33 -8.23 -18.68 8.16
C ASN B 33 -8.91 -19.51 7.04
N SER B 34 -8.80 -19.10 5.78
CA SER B 34 -9.28 -19.83 4.59
C SER B 34 -8.71 -21.26 4.48
N THR A 1 23.37 13.09 7.34
CA THR A 1 22.54 11.86 7.23
C THR A 1 21.17 12.02 7.87
N ARG A 2 20.37 12.99 7.39
CA ARG A 2 18.96 13.23 7.79
C ARG A 2 18.02 13.27 6.58
N GLY A 3 18.47 13.85 5.47
CA GLY A 3 17.77 13.88 4.18
C GLY A 3 17.83 12.59 3.34
N THR A 4 18.42 11.51 3.86
CA THR A 4 18.66 10.23 3.15
C THR A 4 18.31 8.98 3.99
N THR A 5 17.51 9.17 5.06
CA THR A 5 17.10 8.11 6.01
C THR A 5 15.68 8.31 6.56
N ASP A 6 15.27 9.56 6.81
CA ASP A 6 13.92 9.93 7.29
C ASP A 6 13.20 10.93 6.35
N ASN A 7 13.72 11.07 5.13
CA ASN A 7 13.11 11.83 4.03
C ASN A 7 12.52 10.94 2.94
N LEU A 8 12.39 9.64 3.23
CA LEU A 8 11.85 8.61 2.35
C LEU A 8 10.31 8.57 2.42
N ILE A 9 9.67 9.55 3.07
CA ILE A 9 8.21 9.61 3.26
C ILE A 9 7.43 9.71 1.93
N PRO A 10 7.77 10.62 0.98
CA PRO A 10 7.10 10.66 -0.32
C PRO A 10 7.45 9.43 -1.17
N VAL A 11 8.71 8.98 -1.12
CA VAL A 11 9.17 7.81 -1.90
C VAL A 11 8.51 6.52 -1.41
N TYR A 12 8.31 6.36 -0.10
CA TYR A 12 7.65 5.21 0.52
C TYR A 12 6.25 5.05 -0.03
N CYS A 13 5.40 6.08 -0.04
CA CYS A 13 4.04 5.95 -0.58
C CYS A 13 4.00 5.37 -2.02
N SER A 14 5.02 5.65 -2.84
CA SER A 14 5.16 5.08 -4.18
C SER A 14 5.58 3.59 -4.17
N ILE A 15 6.74 3.26 -3.59
CA ILE A 15 7.25 1.86 -3.54
C ILE A 15 6.35 0.94 -2.70
N LEU A 16 5.84 1.45 -1.58
CA LEU A 16 4.93 0.72 -0.68
C LEU A 16 3.60 0.43 -1.37
N ALA A 17 3.04 1.36 -2.15
CA ALA A 17 1.86 1.07 -2.98
C ALA A 17 2.10 -0.06 -4.00
N ALA A 18 3.26 -0.08 -4.67
CA ALA A 18 3.60 -1.15 -5.62
C ALA A 18 3.89 -2.50 -4.92
N VAL A 19 4.64 -2.49 -3.81
CA VAL A 19 5.00 -3.67 -3.01
C VAL A 19 3.76 -4.26 -2.33
N VAL A 20 2.98 -3.46 -1.60
CA VAL A 20 1.77 -3.91 -0.88
C VAL A 20 0.71 -4.48 -1.84
N VAL A 21 0.47 -3.86 -3.00
CA VAL A 21 -0.45 -4.38 -4.03
C VAL A 21 0.02 -5.74 -4.57
N GLY A 22 1.30 -5.86 -4.92
CA GLY A 22 1.88 -7.14 -5.34
C GLY A 22 1.81 -8.20 -4.24
N LEU A 23 2.00 -7.79 -2.97
CA LEU A 23 1.87 -8.66 -1.81
C LEU A 23 0.44 -9.17 -1.62
N VAL A 24 -0.60 -8.34 -1.75
CA VAL A 24 -2.00 -8.76 -1.60
C VAL A 24 -2.34 -9.96 -2.49
N ALA A 25 -1.94 -9.93 -3.76
CA ALA A 25 -2.14 -11.06 -4.67
C ALA A 25 -1.18 -12.23 -4.37
N TYR A 26 0.11 -11.96 -4.10
CA TYR A 26 1.12 -12.99 -3.86
C TYR A 26 0.90 -13.76 -2.56
N ILE A 27 0.84 -13.08 -1.42
CA ILE A 27 0.61 -13.66 -0.08
C ILE A 27 -0.69 -14.45 -0.06
N ALA A 28 -1.76 -13.90 -0.64
CA ALA A 28 -3.03 -14.60 -0.74
C ALA A 28 -2.90 -15.91 -1.52
N PHE A 29 -2.30 -15.86 -2.72
CA PHE A 29 -2.09 -17.06 -3.52
C PHE A 29 -1.16 -18.07 -2.84
N LYS A 30 -0.10 -17.62 -2.15
CA LYS A 30 0.77 -18.46 -1.33
C LYS A 30 0.03 -19.15 -0.20
N ARG A 31 -0.85 -18.46 0.53
CA ARG A 31 -1.65 -19.05 1.62
C ARG A 31 -2.85 -19.88 1.12
N TRP A 32 -3.32 -19.64 -0.10
CA TRP A 32 -4.38 -20.43 -0.75
C TRP A 32 -3.85 -21.68 -1.49
N ASN A 33 -2.59 -21.70 -1.93
CA ASN A 33 -1.97 -22.83 -2.66
C ASN A 33 -0.92 -23.60 -1.83
N SER A 34 -0.61 -23.12 -0.62
CA SER A 34 0.17 -23.81 0.44
C SER A 34 -0.34 -25.23 0.74
N THR B 1 -3.66 16.82 -17.66
CA THR B 1 -3.08 17.45 -16.44
C THR B 1 -3.74 18.80 -16.05
N ARG B 2 -5.08 18.91 -16.17
CA ARG B 2 -5.85 20.13 -15.77
C ARG B 2 -5.69 20.53 -14.29
N GLY B 3 -5.34 19.59 -13.41
CA GLY B 3 -5.13 19.84 -11.98
C GLY B 3 -6.32 19.53 -11.08
N THR B 4 -7.38 18.90 -11.63
CA THR B 4 -8.67 18.64 -10.95
C THR B 4 -9.22 17.21 -11.24
N THR B 5 -8.34 16.29 -11.65
CA THR B 5 -8.65 14.87 -11.92
C THR B 5 -7.46 13.93 -11.67
N ASP B 6 -6.24 14.42 -11.98
CA ASP B 6 -4.95 13.72 -11.92
C ASP B 6 -3.92 14.46 -11.04
N ASN B 7 -4.42 15.34 -10.16
CA ASN B 7 -3.67 16.00 -9.09
C ASN B 7 -3.99 15.43 -7.70
N LEU B 8 -4.85 14.42 -7.63
CA LEU B 8 -5.29 13.75 -6.40
C LEU B 8 -4.25 12.73 -5.87
N ILE B 9 -2.99 12.83 -6.29
CA ILE B 9 -1.90 11.92 -5.90
C ILE B 9 -1.65 11.93 -4.36
N PRO B 10 -1.54 13.10 -3.67
CA PRO B 10 -1.29 13.13 -2.22
C PRO B 10 -2.54 12.74 -1.40
N VAL B 11 -3.72 13.25 -1.75
CA VAL B 11 -5.01 12.90 -1.13
C VAL B 11 -5.29 11.40 -1.23
N TYR B 12 -5.01 10.75 -2.38
CA TYR B 12 -5.11 9.29 -2.48
C TYR B 12 -4.22 8.63 -1.44
N CYS B 13 -2.94 9.00 -1.35
CA CYS B 13 -2.03 8.43 -0.35
C CYS B 13 -2.56 8.51 1.09
N SER B 14 -3.32 9.56 1.45
CA SER B 14 -3.93 9.70 2.78
C SER B 14 -4.99 8.63 3.07
N ILE B 15 -6.08 8.59 2.28
CA ILE B 15 -7.16 7.60 2.44
C ILE B 15 -6.69 6.18 2.15
N LEU B 16 -5.81 6.02 1.15
CA LEU B 16 -5.23 4.74 0.76
C LEU B 16 -4.34 4.19 1.87
N ALA B 17 -3.47 4.99 2.49
CA ALA B 17 -2.69 4.54 3.64
C ALA B 17 -3.58 4.08 4.80
N ALA B 18 -4.66 4.82 5.12
CA ALA B 18 -5.58 4.43 6.20
C ALA B 18 -6.40 3.16 5.88
N VAL B 19 -6.89 3.03 4.64
CA VAL B 19 -7.65 1.86 4.16
C VAL B 19 -6.76 0.63 4.03
N VAL B 20 -5.63 0.73 3.31
CA VAL B 20 -4.67 -0.36 3.07
C VAL B 20 -4.06 -0.89 4.37
N VAL B 21 -3.74 -0.02 5.35
CA VAL B 21 -3.27 -0.45 6.69
C VAL B 21 -4.33 -1.27 7.42
N GLY B 22 -5.59 -0.81 7.46
CA GLY B 22 -6.68 -1.57 8.07
C GLY B 22 -6.98 -2.88 7.34
N LEU B 23 -6.81 -2.89 6.01
CA LEU B 23 -6.96 -4.07 5.16
C LEU B 23 -5.83 -5.11 5.38
N VAL B 24 -4.60 -4.69 5.69
CA VAL B 24 -3.46 -5.61 5.90
C VAL B 24 -3.74 -6.63 7.00
N ALA B 25 -4.47 -6.22 8.05
CA ALA B 25 -4.89 -7.11 9.12
C ALA B 25 -6.09 -7.99 8.71
N TYR B 26 -7.08 -7.41 8.03
CA TYR B 26 -8.29 -8.13 7.61
C TYR B 26 -8.03 -9.17 6.52
N ILE B 27 -7.44 -8.77 5.39
CA ILE B 27 -7.09 -9.65 4.25
C ILE B 27 -6.16 -10.77 4.72
N ALA B 28 -5.11 -10.46 5.49
CA ALA B 28 -4.25 -11.48 6.07
C ALA B 28 -5.06 -12.48 6.90
N PHE B 29 -5.88 -12.01 7.86
CA PHE B 29 -6.65 -12.93 8.69
C PHE B 29 -7.65 -13.78 7.90
N LYS B 30 -8.31 -13.21 6.89
CA LYS B 30 -9.21 -13.93 5.95
C LYS B 30 -8.49 -14.98 5.13
N ARG B 31 -7.32 -14.66 4.57
CA ARG B 31 -6.48 -15.62 3.81
C ARG B 31 -5.79 -16.66 4.71
N TRP B 32 -5.56 -16.36 5.99
CA TRP B 32 -4.98 -17.29 6.97
C TRP B 32 -6.00 -18.32 7.47
N ASN B 33 -7.24 -17.89 7.74
CA ASN B 33 -8.32 -18.79 8.21
C ASN B 33 -8.94 -19.64 7.07
N SER B 34 -8.80 -19.21 5.81
CA SER B 34 -9.17 -19.96 4.60
C SER B 34 -8.50 -21.35 4.52
N THR A 1 22.34 12.11 10.78
CA THR A 1 21.57 11.07 10.04
C THR A 1 20.03 11.21 10.19
N ARG A 2 19.49 12.43 10.38
CA ARG A 2 18.03 12.68 10.46
C ARG A 2 17.37 12.83 9.08
N GLY A 3 18.11 13.34 8.10
CA GLY A 3 17.62 13.56 6.73
C GLY A 3 17.80 12.37 5.77
N THR A 4 18.25 11.20 6.27
CA THR A 4 18.59 10.01 5.45
C THR A 4 18.07 8.69 6.06
N THR A 5 17.19 8.77 7.06
CA THR A 5 16.59 7.62 7.77
C THR A 5 15.10 7.83 8.06
N ASP A 6 14.72 9.03 8.53
CA ASP A 6 13.34 9.42 8.85
C ASP A 6 12.84 10.60 7.99
N ASN A 7 13.48 10.81 6.83
CA ASN A 7 13.01 11.73 5.79
C ASN A 7 12.45 11.01 4.56
N LEU A 8 12.45 9.66 4.56
CA LEU A 8 11.91 8.80 3.51
C LEU A 8 10.37 8.71 3.55
N ILE A 9 9.67 9.66 4.17
CA ILE A 9 8.20 9.72 4.23
C ILE A 9 7.52 9.82 2.84
N PRO A 10 7.91 10.77 1.94
CA PRO A 10 7.32 10.84 0.61
C PRO A 10 7.72 9.63 -0.25
N VAL A 11 8.97 9.16 -0.11
CA VAL A 11 9.48 8.02 -0.89
C VAL A 11 8.83 6.70 -0.45
N TYR A 12 8.56 6.52 0.85
CA TYR A 12 7.89 5.34 1.40
C TYR A 12 6.53 5.18 0.76
N CYS A 13 5.67 6.20 0.77
CA CYS A 13 4.32 6.07 0.22
C CYS A 13 4.30 5.58 -1.25
N SER A 14 5.36 5.86 -2.02
CA SER A 14 5.58 5.32 -3.37
C SER A 14 6.01 3.84 -3.39
N ILE A 15 7.15 3.49 -2.78
CA ILE A 15 7.67 2.11 -2.75
C ILE A 15 6.75 1.15 -1.97
N LEU A 16 6.18 1.62 -0.86
CA LEU A 16 5.25 0.89 -0.01
C LEU A 16 3.95 0.60 -0.76
N ALA A 17 3.42 1.54 -1.55
CA ALA A 17 2.28 1.25 -2.42
C ALA A 17 2.58 0.15 -3.45
N ALA A 18 3.77 0.12 -4.06
CA ALA A 18 4.15 -0.93 -5.01
C ALA A 18 4.42 -2.29 -4.32
N VAL A 19 5.12 -2.28 -3.18
CA VAL A 19 5.46 -3.47 -2.38
C VAL A 19 4.21 -4.08 -1.75
N VAL A 20 3.38 -3.29 -1.05
CA VAL A 20 2.15 -3.77 -0.38
C VAL A 20 1.14 -4.34 -1.39
N VAL A 21 0.96 -3.71 -2.56
CA VAL A 21 0.09 -4.24 -3.64
C VAL A 21 0.61 -5.59 -4.16
N GLY A 22 1.90 -5.70 -4.46
CA GLY A 22 2.50 -6.97 -4.87
C GLY A 22 2.40 -8.04 -3.78
N LEU A 23 2.51 -7.64 -2.50
CA LEU A 23 2.34 -8.51 -1.35
C LEU A 23 0.92 -9.05 -1.24
N VAL A 24 -0.13 -8.24 -1.43
CA VAL A 24 -1.54 -8.68 -1.35
C VAL A 24 -1.79 -9.89 -2.26
N ALA A 25 -1.32 -9.85 -3.51
CA ALA A 25 -1.45 -11.00 -4.42
C ALA A 25 -0.49 -12.15 -4.04
N TYR A 26 0.76 -11.86 -3.69
CA TYR A 26 1.78 -12.88 -3.37
C TYR A 26 1.48 -13.65 -2.09
N ILE A 27 1.34 -12.95 -0.94
CA ILE A 27 1.03 -13.53 0.37
C ILE A 27 -0.27 -14.33 0.30
N ALA A 28 -1.30 -13.79 -0.36
CA ALA A 28 -2.56 -14.51 -0.54
C ALA A 28 -2.36 -15.82 -1.30
N PHE A 29 -1.69 -15.78 -2.46
CA PHE A 29 -1.39 -16.96 -3.24
C PHE A 29 -0.52 -17.97 -2.47
N LYS A 30 0.50 -17.50 -1.74
CA LYS A 30 1.33 -18.33 -0.86
C LYS A 30 0.52 -19.06 0.20
N ARG A 31 -0.37 -18.36 0.92
CA ARG A 31 -1.24 -18.96 1.94
C ARG A 31 -2.38 -19.81 1.36
N TRP A 32 -2.77 -19.60 0.10
CA TRP A 32 -3.77 -20.39 -0.63
C TRP A 32 -3.20 -21.65 -1.32
N ASN A 33 -1.91 -21.67 -1.67
CA ASN A 33 -1.22 -22.81 -2.30
C ASN A 33 -0.20 -23.51 -1.37
N SER A 34 0.00 -23.00 -0.14
CA SER A 34 0.78 -23.61 0.95
C SER A 34 0.41 -25.07 1.24
N THR B 1 -4.46 16.40 -17.55
CA THR B 1 -3.91 17.35 -16.54
C THR B 1 -4.86 18.52 -16.24
N ARG B 2 -6.15 18.26 -15.99
CA ARG B 2 -7.14 19.29 -15.59
C ARG B 2 -6.91 19.89 -14.19
N GLY B 3 -6.15 19.19 -13.34
CA GLY B 3 -5.88 19.57 -11.94
C GLY B 3 -6.84 18.97 -10.90
N THR B 4 -7.87 18.24 -11.34
CA THR B 4 -8.92 17.65 -10.47
C THR B 4 -9.18 16.16 -10.78
N THR B 5 -8.19 15.47 -11.34
CA THR B 5 -8.22 14.03 -11.73
C THR B 5 -6.87 13.34 -11.51
N ASP B 6 -5.78 14.05 -11.80
CA ASP B 6 -4.38 13.58 -11.71
C ASP B 6 -3.55 14.40 -10.71
N ASN B 7 -4.20 15.19 -9.86
CA ASN B 7 -3.60 15.92 -8.75
C ASN B 7 -3.96 15.29 -7.38
N LEU B 8 -4.50 14.07 -7.41
CA LEU B 8 -4.93 13.32 -6.23
C LEU B 8 -3.75 12.53 -5.61
N ILE B 9 -2.52 12.76 -6.04
CA ILE B 9 -1.29 12.12 -5.52
C ILE B 9 -1.09 12.30 -4.00
N PRO B 10 -1.18 13.52 -3.43
CA PRO B 10 -1.06 13.73 -1.98
C PRO B 10 -2.27 13.16 -1.23
N VAL B 11 -3.48 13.39 -1.75
CA VAL B 11 -4.73 12.93 -1.10
C VAL B 11 -4.80 11.39 -1.07
N TYR B 12 -4.34 10.72 -2.14
CA TYR B 12 -4.26 9.26 -2.22
C TYR B 12 -3.36 8.73 -1.11
N CYS B 13 -2.15 9.26 -0.94
CA CYS B 13 -1.26 8.80 0.14
C CYS B 13 -1.93 8.82 1.54
N SER B 14 -2.89 9.72 1.79
CA SER B 14 -3.70 9.73 3.01
C SER B 14 -4.77 8.62 3.05
N ILE B 15 -5.74 8.64 2.12
CA ILE B 15 -6.85 7.67 2.07
C ILE B 15 -6.36 6.24 1.81
N LEU B 16 -5.38 6.07 0.94
CA LEU B 16 -4.76 4.79 0.62
C LEU B 16 -4.02 4.26 1.85
N ALA B 17 -3.22 5.08 2.56
CA ALA B 17 -2.62 4.62 3.82
C ALA B 17 -3.67 4.20 4.86
N ALA B 18 -4.80 4.92 5.02
CA ALA B 18 -5.84 4.55 5.97
C ALA B 18 -6.62 3.28 5.55
N VAL B 19 -6.93 3.12 4.26
CA VAL B 19 -7.64 1.95 3.70
C VAL B 19 -6.72 0.72 3.68
N VAL B 20 -5.52 0.83 3.10
CA VAL B 20 -4.54 -0.26 2.98
C VAL B 20 -4.09 -0.77 4.35
N VAL B 21 -3.88 0.09 5.36
CA VAL B 21 -3.58 -0.32 6.74
C VAL B 21 -4.72 -1.15 7.35
N GLY B 22 -5.98 -0.70 7.24
CA GLY B 22 -7.12 -1.46 7.74
C GLY B 22 -7.32 -2.78 6.99
N LEU B 23 -7.00 -2.79 5.69
CA LEU B 23 -7.05 -3.98 4.84
C LEU B 23 -5.94 -4.99 5.17
N VAL B 24 -4.74 -4.55 5.57
CA VAL B 24 -3.60 -5.45 5.88
C VAL B 24 -3.96 -6.44 6.98
N ALA B 25 -4.78 -6.03 7.96
CA ALA B 25 -5.27 -6.89 9.03
C ALA B 25 -6.43 -7.79 8.55
N TYR B 26 -7.37 -7.25 7.75
CA TYR B 26 -8.54 -7.98 7.25
C TYR B 26 -8.17 -9.05 6.21
N ILE B 27 -7.51 -8.66 5.12
CA ILE B 27 -7.07 -9.55 4.03
C ILE B 27 -6.17 -10.66 4.58
N ALA B 28 -5.19 -10.31 5.43
CA ALA B 28 -4.35 -11.32 6.08
C ALA B 28 -5.20 -12.31 6.88
N PHE B 29 -6.09 -11.84 7.76
CA PHE B 29 -6.92 -12.75 8.57
C PHE B 29 -7.85 -13.63 7.71
N LYS B 30 -8.44 -13.08 6.64
CA LYS B 30 -9.26 -13.81 5.66
C LYS B 30 -8.45 -14.88 4.90
N ARG B 31 -7.25 -14.56 4.42
CA ARG B 31 -6.35 -15.51 3.76
C ARG B 31 -5.75 -16.53 4.73
N TRP B 32 -5.60 -16.20 6.01
CA TRP B 32 -5.08 -17.10 7.06
C TRP B 32 -6.12 -18.14 7.52
N ASN B 33 -7.38 -17.73 7.71
CA ASN B 33 -8.48 -18.64 8.06
C ASN B 33 -8.99 -19.49 6.88
N SER B 34 -8.66 -19.11 5.64
CA SER B 34 -9.02 -19.85 4.40
C SER B 34 -8.40 -21.27 4.34
N THR A 1 23.18 11.91 7.34
CA THR A 1 22.22 11.02 6.63
C THR A 1 20.78 11.20 7.11
N ARG A 2 20.25 12.43 7.03
CA ARG A 2 18.85 12.77 7.40
C ARG A 2 17.94 12.91 6.17
N GLY A 3 18.49 13.43 5.07
CA GLY A 3 17.82 13.54 3.76
C GLY A 3 17.69 12.23 2.97
N THR A 4 18.25 11.13 3.47
CA THR A 4 18.35 9.83 2.76
C THR A 4 18.00 8.62 3.66
N THR A 5 17.26 8.86 4.77
CA THR A 5 16.81 7.83 5.74
C THR A 5 15.38 8.12 6.25
N ASP A 6 15.06 9.40 6.55
CA ASP A 6 13.73 9.84 7.05
C ASP A 6 13.07 10.93 6.18
N ASN A 7 13.62 11.13 4.96
CA ASN A 7 13.01 11.92 3.88
C ASN A 7 12.39 11.01 2.80
N LEU A 8 12.31 9.70 3.03
CA LEU A 8 11.77 8.70 2.10
C LEU A 8 10.22 8.65 2.13
N ILE A 9 9.56 9.60 2.80
CA ILE A 9 8.09 9.65 2.96
C ILE A 9 7.34 9.74 1.62
N PRO A 10 7.68 10.64 0.67
CA PRO A 10 7.01 10.68 -0.63
C PRO A 10 7.36 9.44 -1.47
N VAL A 11 8.62 8.98 -1.43
CA VAL A 11 9.09 7.83 -2.21
C VAL A 11 8.44 6.53 -1.71
N TYR A 12 8.25 6.37 -0.39
CA TYR A 12 7.58 5.22 0.23
C TYR A 12 6.19 5.06 -0.33
N CYS A 13 5.34 6.10 -0.35
CA CYS A 13 3.98 5.95 -0.87
C CYS A 13 3.92 5.39 -2.31
N SER A 14 4.95 5.65 -3.13
CA SER A 14 5.10 5.07 -4.47
C SER A 14 5.50 3.59 -4.45
N ILE A 15 6.67 3.25 -3.86
CA ILE A 15 7.17 1.86 -3.81
C ILE A 15 6.29 0.94 -2.97
N LEU A 16 5.76 1.45 -1.85
CA LEU A 16 4.87 0.73 -0.94
C LEU A 16 3.54 0.43 -1.62
N ALA A 17 2.98 1.36 -2.41
CA ALA A 17 1.79 1.07 -3.21
C ALA A 17 2.03 -0.08 -4.22
N ALA A 18 3.17 -0.08 -4.92
CA ALA A 18 3.52 -1.15 -5.86
C ALA A 18 3.78 -2.50 -5.17
N VAL A 19 4.55 -2.49 -4.07
CA VAL A 19 4.90 -3.67 -3.27
C VAL A 19 3.68 -4.27 -2.59
N VAL A 20 2.89 -3.47 -1.85
CA VAL A 20 1.69 -3.91 -1.12
C VAL A 20 0.62 -4.47 -2.08
N VAL A 21 0.38 -3.84 -3.24
CA VAL A 21 -0.55 -4.35 -4.26
C VAL A 21 -0.10 -5.71 -4.79
N GLY A 22 1.18 -5.85 -5.16
CA GLY A 22 1.76 -7.13 -5.57
C GLY A 22 1.66 -8.19 -4.47
N LEU A 23 1.90 -7.78 -3.21
CA LEU A 23 1.76 -8.63 -2.04
C LEU A 23 0.33 -9.15 -1.84
N VAL A 24 -0.70 -8.30 -1.97
CA VAL A 24 -2.11 -8.72 -1.80
C VAL A 24 -2.45 -9.90 -2.70
N ALA A 25 -2.06 -9.88 -3.98
CA ALA A 25 -2.28 -11.01 -4.88
C ALA A 25 -1.33 -12.20 -4.58
N TYR A 26 -0.04 -11.93 -4.34
CA TYR A 26 0.97 -12.96 -4.10
C TYR A 26 0.76 -13.74 -2.81
N ILE A 27 0.71 -13.06 -1.66
CA ILE A 27 0.49 -13.65 -0.33
C ILE A 27 -0.82 -14.43 -0.30
N ALA A 28 -1.90 -13.87 -0.85
CA ALA A 28 -3.18 -14.55 -0.94
C ALA A 28 -3.06 -15.86 -1.72
N PHE A 29 -2.48 -15.82 -2.92
CA PHE A 29 -2.29 -17.01 -3.73
C PHE A 29 -1.36 -18.04 -3.06
N LYS A 30 -0.29 -17.59 -2.39
CA LYS A 30 0.59 -18.45 -1.58
C LYS A 30 -0.15 -19.14 -0.45
N ARG A 31 -1.01 -18.44 0.31
CA ARG A 31 -1.79 -19.04 1.40
C ARG A 31 -3.01 -19.86 0.92
N TRP A 32 -3.51 -19.60 -0.29
CA TRP A 32 -4.57 -20.37 -0.94
C TRP A 32 -4.07 -21.63 -1.69
N ASN A 33 -2.83 -21.65 -2.17
CA ASN A 33 -2.22 -22.79 -2.90
C ASN A 33 -1.19 -23.58 -2.05
N SER A 34 -0.86 -23.09 -0.85
CA SER A 34 -0.07 -23.79 0.19
C SER A 34 -0.59 -25.20 0.49
N THR B 1 -8.53 20.86 -17.42
CA THR B 1 -8.99 19.61 -16.73
C THR B 1 -7.84 18.64 -16.40
N ARG B 2 -6.70 19.15 -15.91
CA ARG B 2 -5.54 18.34 -15.45
C ARG B 2 -5.25 18.48 -13.95
N GLY B 3 -5.59 19.63 -13.37
CA GLY B 3 -5.44 19.94 -11.94
C GLY B 3 -6.66 19.59 -11.06
N THR B 4 -7.63 18.85 -11.60
CA THR B 4 -8.94 18.57 -10.96
C THR B 4 -9.41 17.11 -11.13
N THR B 5 -8.53 16.22 -11.60
CA THR B 5 -8.81 14.78 -11.85
C THR B 5 -7.57 13.89 -11.64
N ASP B 6 -6.39 14.36 -12.05
CA ASP B 6 -5.08 13.69 -11.87
C ASP B 6 -4.08 14.51 -11.02
N ASN B 7 -4.62 15.40 -10.18
CA ASN B 7 -3.87 16.12 -9.14
C ASN B 7 -4.08 15.54 -7.73
N LEU B 8 -5.04 14.60 -7.53
CA LEU B 8 -5.34 13.98 -6.25
C LEU B 8 -4.31 12.91 -5.80
N ILE B 9 -3.06 13.00 -6.27
CA ILE B 9 -1.97 12.09 -5.90
C ILE B 9 -1.70 12.09 -4.36
N PRO B 10 -1.57 13.24 -3.67
CA PRO B 10 -1.28 13.25 -2.21
C PRO B 10 -2.50 12.85 -1.38
N VAL B 11 -3.70 13.40 -1.69
CA VAL B 11 -4.97 13.03 -1.02
C VAL B 11 -5.27 11.54 -1.14
N TYR B 12 -5.04 10.91 -2.31
CA TYR B 12 -5.15 9.45 -2.42
C TYR B 12 -4.25 8.76 -1.40
N CYS B 13 -2.97 9.12 -1.33
CA CYS B 13 -2.04 8.53 -0.37
C CYS B 13 -2.52 8.61 1.09
N SER B 14 -3.26 9.65 1.48
CA SER B 14 -3.85 9.80 2.82
C SER B 14 -4.90 8.72 3.12
N ILE B 15 -6.00 8.70 2.35
CA ILE B 15 -7.10 7.73 2.52
C ILE B 15 -6.65 6.30 2.20
N LEU B 16 -5.79 6.14 1.20
CA LEU B 16 -5.23 4.86 0.78
C LEU B 16 -4.32 4.28 1.87
N ALA B 17 -3.44 5.07 2.48
CA ALA B 17 -2.65 4.60 3.62
C ALA B 17 -3.52 4.12 4.79
N ALA B 18 -4.57 4.87 5.14
CA ALA B 18 -5.49 4.49 6.23
C ALA B 18 -6.30 3.21 5.90
N VAL B 19 -6.82 3.11 4.67
CA VAL B 19 -7.61 1.95 4.19
C VAL B 19 -6.72 0.71 4.03
N VAL B 20 -5.62 0.82 3.30
CA VAL B 20 -4.65 -0.28 3.03
C VAL B 20 -4.03 -0.83 4.32
N VAL B 21 -3.68 0.02 5.29
CA VAL B 21 -3.19 -0.41 6.61
C VAL B 21 -4.25 -1.23 7.36
N GLY B 22 -5.50 -0.76 7.43
CA GLY B 22 -6.60 -1.52 8.04
C GLY B 22 -6.88 -2.83 7.29
N LEU B 23 -6.76 -2.81 5.96
CA LEU B 23 -6.92 -3.98 5.10
C LEU B 23 -5.81 -5.03 5.30
N VAL B 24 -4.56 -4.63 5.60
CA VAL B 24 -3.42 -5.56 5.77
C VAL B 24 -3.70 -6.59 6.88
N ALA B 25 -4.40 -6.19 7.94
CA ALA B 25 -4.82 -7.08 9.02
C ALA B 25 -6.02 -7.94 8.61
N TYR B 26 -7.02 -7.35 7.95
CA TYR B 26 -8.24 -8.05 7.55
C TYR B 26 -8.02 -9.10 6.45
N ILE B 27 -7.42 -8.70 5.32
CA ILE B 27 -7.11 -9.57 4.17
C ILE B 27 -6.19 -10.70 4.61
N ALA B 28 -5.13 -10.41 5.37
CA ALA B 28 -4.26 -11.45 5.92
C ALA B 28 -5.06 -12.45 6.76
N PHE B 29 -5.86 -11.98 7.73
CA PHE B 29 -6.63 -12.89 8.58
C PHE B 29 -7.66 -13.74 7.80
N LYS B 30 -8.33 -13.15 6.81
CA LYS B 30 -9.25 -13.85 5.88
C LYS B 30 -8.53 -14.91 5.04
N ARG B 31 -7.37 -14.59 4.45
CA ARG B 31 -6.55 -15.55 3.68
C ARG B 31 -5.87 -16.61 4.57
N TRP B 32 -5.61 -16.31 5.84
CA TRP B 32 -5.03 -17.26 6.80
C TRP B 32 -6.06 -18.26 7.32
N ASN B 33 -7.30 -17.84 7.61
CA ASN B 33 -8.38 -18.74 8.06
C ASN B 33 -9.01 -19.56 6.91
N SER B 34 -8.86 -19.12 5.65
CA SER B 34 -9.27 -19.87 4.46
C SER B 34 -8.63 -21.27 4.37
N THR A 1 23.35 11.93 7.86
CA THR A 1 22.45 10.87 7.29
C THR A 1 20.97 11.05 7.69
N ARG A 2 20.48 12.28 7.93
CA ARG A 2 19.06 12.57 8.26
C ARG A 2 18.20 12.77 7.01
N GLY A 3 18.77 13.34 5.94
CA GLY A 3 18.09 13.54 4.65
C GLY A 3 18.10 12.31 3.71
N THR A 4 18.63 11.17 4.15
CA THR A 4 18.82 9.96 3.30
C THR A 4 18.39 8.66 4.05
N THR A 5 17.60 8.80 5.11
CA THR A 5 17.08 7.68 5.94
C THR A 5 15.64 7.93 6.40
N ASP A 6 15.32 9.15 6.84
CA ASP A 6 13.98 9.58 7.29
C ASP A 6 13.41 10.71 6.42
N ASN A 7 13.88 10.81 5.16
CA ASN A 7 13.31 11.67 4.12
C ASN A 7 12.69 10.88 2.96
N LEU A 8 12.61 9.55 3.10
CA LEU A 8 11.96 8.64 2.15
C LEU A 8 10.42 8.61 2.33
N ILE A 9 9.81 9.62 2.97
CA ILE A 9 8.35 9.70 3.18
C ILE A 9 7.54 9.80 1.87
N PRO A 10 7.87 10.71 0.91
CA PRO A 10 7.17 10.78 -0.36
C PRO A 10 7.48 9.56 -1.23
N VAL A 11 8.75 9.09 -1.23
CA VAL A 11 9.18 7.93 -2.03
C VAL A 11 8.53 6.64 -1.53
N TYR A 12 8.34 6.47 -0.20
CA TYR A 12 7.68 5.31 0.40
C TYR A 12 6.28 5.15 -0.15
N CYS A 13 5.43 6.20 -0.12
CA CYS A 13 4.08 6.09 -0.67
C CYS A 13 4.04 5.50 -2.11
N SER A 14 5.05 5.77 -2.93
CA SER A 14 5.18 5.19 -4.27
C SER A 14 5.60 3.70 -4.27
N ILE A 15 6.77 3.36 -3.70
CA ILE A 15 7.28 1.97 -3.67
C ILE A 15 6.38 1.06 -2.83
N LEU A 16 5.88 1.56 -1.69
CA LEU A 16 4.98 0.85 -0.79
C LEU A 16 3.64 0.57 -1.50
N ALA A 17 3.08 1.51 -2.28
CA ALA A 17 1.89 1.22 -3.09
C ALA A 17 2.15 0.10 -4.12
N ALA A 18 3.31 0.05 -4.79
CA ALA A 18 3.62 -1.02 -5.74
C ALA A 18 3.91 -2.38 -5.04
N VAL A 19 4.65 -2.37 -3.93
CA VAL A 19 5.00 -3.55 -3.12
C VAL A 19 3.77 -4.13 -2.43
N VAL A 20 3.00 -3.33 -1.70
CA VAL A 20 1.78 -3.76 -0.98
C VAL A 20 0.72 -4.32 -1.92
N VAL A 21 0.48 -3.70 -3.08
CA VAL A 21 -0.44 -4.22 -4.11
C VAL A 21 0.02 -5.57 -4.66
N GLY A 22 1.29 -5.70 -5.03
CA GLY A 22 1.85 -6.98 -5.47
C GLY A 22 1.80 -8.06 -4.38
N LEU A 23 1.97 -7.65 -3.11
CA LEU A 23 1.85 -8.54 -1.95
C LEU A 23 0.42 -9.05 -1.77
N VAL A 24 -0.62 -8.20 -1.87
CA VAL A 24 -2.03 -8.63 -1.72
C VAL A 24 -2.37 -9.80 -2.63
N ALA A 25 -1.99 -9.75 -3.90
CA ALA A 25 -2.20 -10.86 -4.83
C ALA A 25 -1.24 -12.05 -4.56
N TYR A 26 0.04 -11.78 -4.28
CA TYR A 26 1.05 -12.84 -4.05
C TYR A 26 0.83 -13.62 -2.76
N ILE A 27 0.79 -12.95 -1.59
CA ILE A 27 0.55 -13.55 -0.28
C ILE A 27 -0.76 -14.34 -0.26
N ALA A 28 -1.82 -13.75 -0.82
CA ALA A 28 -3.10 -14.45 -0.93
C ALA A 28 -2.98 -15.73 -1.74
N PHE A 29 -2.38 -15.68 -2.94
CA PHE A 29 -2.19 -16.87 -3.76
C PHE A 29 -1.26 -17.89 -3.09
N LYS A 30 -0.19 -17.46 -2.41
CA LYS A 30 0.69 -18.32 -1.61
C LYS A 30 -0.06 -19.04 -0.49
N ARG A 31 -0.94 -18.35 0.26
CA ARG A 31 -1.73 -18.95 1.34
C ARG A 31 -2.94 -19.76 0.83
N TRP A 32 -3.41 -19.50 -0.39
CA TRP A 32 -4.47 -20.27 -1.06
C TRP A 32 -3.96 -21.52 -1.81
N ASN A 33 -2.71 -21.54 -2.29
CA ASN A 33 -2.12 -22.66 -3.02
C ASN A 33 -1.08 -23.46 -2.19
N SER A 34 -0.76 -23.00 -0.97
CA SER A 34 0.04 -23.69 0.07
C SER A 34 -0.47 -25.12 0.36
N THR B 1 -1.10 17.47 -13.10
CA THR B 1 -2.09 18.55 -12.84
C THR B 1 -2.53 19.23 -14.15
N ARG B 2 -3.03 18.48 -15.13
CA ARG B 2 -3.55 19.04 -16.40
C ARG B 2 -4.87 19.83 -16.22
N GLY B 3 -5.59 19.52 -15.14
CA GLY B 3 -6.87 20.10 -14.75
C GLY B 3 -7.18 19.81 -13.28
N THR B 4 -8.21 19.00 -13.01
CA THR B 4 -8.74 18.73 -11.65
C THR B 4 -9.28 17.29 -11.52
N THR B 5 -8.43 16.29 -11.80
CA THR B 5 -8.79 14.85 -11.71
C THR B 5 -7.57 13.99 -11.37
N ASP B 6 -6.42 14.29 -11.98
CA ASP B 6 -5.13 13.62 -11.79
C ASP B 6 -4.15 14.46 -10.95
N ASN B 7 -4.68 15.33 -10.08
CA ASN B 7 -3.90 16.06 -9.07
C ASN B 7 -4.08 15.49 -7.65
N LEU B 8 -5.03 14.57 -7.45
CA LEU B 8 -5.32 13.96 -6.16
C LEU B 8 -4.29 12.89 -5.74
N ILE B 9 -3.03 13.01 -6.16
CA ILE B 9 -1.92 12.13 -5.79
C ILE B 9 -1.65 12.08 -4.26
N PRO B 10 -1.52 13.23 -3.55
CA PRO B 10 -1.24 13.23 -2.10
C PRO B 10 -2.45 12.81 -1.26
N VAL B 11 -3.63 13.36 -1.55
CA VAL B 11 -4.92 13.01 -0.92
C VAL B 11 -5.22 11.52 -1.06
N TYR B 12 -4.98 10.89 -2.22
CA TYR B 12 -5.12 9.45 -2.35
C TYR B 12 -4.23 8.74 -1.34
N CYS B 13 -2.94 9.06 -1.28
CA CYS B 13 -2.03 8.47 -0.30
C CYS B 13 -2.53 8.57 1.16
N SER B 14 -3.24 9.63 1.53
CA SER B 14 -3.81 9.79 2.88
C SER B 14 -4.88 8.73 3.21
N ILE B 15 -5.99 8.71 2.45
CA ILE B 15 -7.08 7.73 2.62
C ILE B 15 -6.62 6.31 2.30
N LEU B 16 -5.79 6.14 1.28
CA LEU B 16 -5.23 4.86 0.86
C LEU B 16 -4.33 4.30 1.96
N ALA B 17 -3.42 5.08 2.55
CA ALA B 17 -2.61 4.61 3.69
C ALA B 17 -3.49 4.17 4.87
N ALA B 18 -4.57 4.89 5.21
CA ALA B 18 -5.47 4.49 6.31
C ALA B 18 -6.30 3.24 5.98
N VAL B 19 -6.81 3.11 4.75
CA VAL B 19 -7.59 1.96 4.27
C VAL B 19 -6.72 0.72 4.10
N VAL B 20 -5.61 0.83 3.36
CA VAL B 20 -4.65 -0.27 3.09
C VAL B 20 -4.03 -0.83 4.37
N VAL B 21 -3.67 0.02 5.35
CA VAL B 21 -3.18 -0.43 6.68
C VAL B 21 -4.25 -1.26 7.41
N GLY B 22 -5.49 -0.77 7.50
CA GLY B 22 -6.57 -1.54 8.13
C GLY B 22 -6.91 -2.84 7.38
N LEU B 23 -6.74 -2.83 6.05
CA LEU B 23 -6.92 -4.01 5.20
C LEU B 23 -5.81 -5.05 5.38
N VAL B 24 -4.56 -4.65 5.67
CA VAL B 24 -3.43 -5.59 5.83
C VAL B 24 -3.72 -6.63 6.92
N ALA B 25 -4.42 -6.23 7.98
CA ALA B 25 -4.84 -7.12 9.07
C ALA B 25 -6.06 -7.98 8.67
N TYR B 26 -7.05 -7.38 7.97
CA TYR B 26 -8.26 -8.10 7.56
C TYR B 26 -8.02 -9.12 6.45
N ILE B 27 -7.44 -8.70 5.31
CA ILE B 27 -7.12 -9.56 4.16
C ILE B 27 -6.20 -10.69 4.60
N ALA B 28 -5.13 -10.39 5.37
CA ALA B 28 -4.27 -11.43 5.91
C ALA B 28 -5.07 -12.44 6.75
N PHE B 29 -5.88 -11.99 7.72
CA PHE B 29 -6.65 -12.92 8.54
C PHE B 29 -7.67 -13.75 7.74
N LYS B 30 -8.33 -13.15 6.74
CA LYS B 30 -9.25 -13.84 5.81
C LYS B 30 -8.54 -14.89 4.94
N ARG B 31 -7.37 -14.56 4.37
CA ARG B 31 -6.54 -15.51 3.60
C ARG B 31 -5.87 -16.57 4.48
N TRP B 32 -5.63 -16.29 5.77
CA TRP B 32 -5.04 -17.24 6.73
C TRP B 32 -6.07 -18.28 7.22
N ASN B 33 -7.29 -17.84 7.55
CA ASN B 33 -8.36 -18.75 7.97
C ASN B 33 -8.96 -19.57 6.81
N SER B 34 -8.81 -19.14 5.56
CA SER B 34 -9.25 -19.85 4.33
C SER B 34 -8.62 -21.25 4.21
N THR A 1 23.58 12.76 6.99
CA THR A 1 22.77 11.51 6.94
C THR A 1 21.35 11.68 7.52
N ARG A 2 20.62 12.74 7.12
CA ARG A 2 19.22 12.98 7.51
C ARG A 2 18.26 13.07 6.31
N GLY A 3 18.75 13.61 5.18
CA GLY A 3 18.04 13.69 3.90
C GLY A 3 18.06 12.41 3.05
N THR A 4 18.62 11.31 3.55
CA THR A 4 18.85 10.05 2.81
C THR A 4 18.48 8.78 3.62
N THR A 5 17.70 8.94 4.70
CA THR A 5 17.26 7.85 5.60
C THR A 5 15.84 8.07 6.18
N ASP A 6 15.47 9.33 6.48
CA ASP A 6 14.14 9.72 6.99
C ASP A 6 13.44 10.77 6.10
N ASN A 7 13.95 10.93 4.88
CA ASN A 7 13.35 11.73 3.81
C ASN A 7 12.71 10.87 2.70
N LEU A 8 12.56 9.57 2.97
CA LEU A 8 11.99 8.58 2.06
C LEU A 8 10.44 8.58 2.17
N ILE A 9 9.83 9.55 2.86
CA ILE A 9 8.38 9.62 3.08
C ILE A 9 7.58 9.77 1.76
N PRO A 10 7.91 10.69 0.83
CA PRO A 10 7.20 10.78 -0.45
C PRO A 10 7.52 9.56 -1.33
N VAL A 11 8.76 9.07 -1.32
CA VAL A 11 9.18 7.91 -2.14
C VAL A 11 8.51 6.62 -1.66
N TYR A 12 8.34 6.44 -0.34
CA TYR A 12 7.68 5.29 0.26
C TYR A 12 6.26 5.15 -0.26
N CYS A 13 5.43 6.20 -0.23
CA CYS A 13 4.06 6.10 -0.76
C CYS A 13 3.99 5.53 -2.19
N SER A 14 5.00 5.81 -3.03
CA SER A 14 5.11 5.25 -4.39
C SER A 14 5.50 3.75 -4.40
N ILE A 15 6.67 3.39 -3.85
CA ILE A 15 7.16 2.00 -3.82
C ILE A 15 6.27 1.08 -2.97
N LEU A 16 5.77 1.58 -1.84
CA LEU A 16 4.89 0.85 -0.94
C LEU A 16 3.53 0.59 -1.60
N ALA A 17 2.97 1.53 -2.37
CA ALA A 17 1.77 1.27 -3.16
C ALA A 17 1.98 0.14 -4.20
N ALA A 18 3.12 0.12 -4.91
CA ALA A 18 3.43 -0.94 -5.87
C ALA A 18 3.70 -2.31 -5.20
N VAL A 19 4.48 -2.31 -4.10
CA VAL A 19 4.83 -3.52 -3.33
C VAL A 19 3.61 -4.09 -2.63
N VAL A 20 2.84 -3.31 -1.87
CA VAL A 20 1.64 -3.75 -1.13
C VAL A 20 0.56 -4.28 -2.08
N VAL A 21 0.31 -3.64 -3.23
CA VAL A 21 -0.63 -4.14 -4.25
C VAL A 21 -0.19 -5.49 -4.81
N GLY A 22 1.08 -5.63 -5.19
CA GLY A 22 1.64 -6.91 -5.63
C GLY A 22 1.57 -7.98 -4.53
N LEU A 23 1.79 -7.59 -3.27
CA LEU A 23 1.68 -8.47 -2.12
C LEU A 23 0.25 -8.98 -1.91
N VAL A 24 -0.78 -8.13 -2.02
CA VAL A 24 -2.20 -8.55 -1.85
C VAL A 24 -2.54 -9.73 -2.75
N ALA A 25 -2.17 -9.67 -4.03
CA ALA A 25 -2.39 -10.79 -4.95
C ALA A 25 -1.44 -11.98 -4.67
N TYR A 26 -0.15 -11.72 -4.45
CA TYR A 26 0.87 -12.76 -4.23
C TYR A 26 0.66 -13.56 -2.94
N ILE A 27 0.63 -12.88 -1.78
CA ILE A 27 0.43 -13.50 -0.46
C ILE A 27 -0.88 -14.28 -0.42
N ALA A 28 -1.97 -13.71 -0.97
CA ALA A 28 -3.25 -14.39 -1.05
C ALA A 28 -3.13 -15.69 -1.86
N PHE A 29 -2.56 -15.63 -3.06
CA PHE A 29 -2.38 -16.81 -3.89
C PHE A 29 -1.44 -17.84 -3.25
N LYS A 30 -0.36 -17.40 -2.59
CA LYS A 30 0.53 -18.27 -1.80
C LYS A 30 -0.20 -18.99 -0.67
N ARG A 31 -1.05 -18.30 0.11
CA ARG A 31 -1.82 -18.92 1.20
C ARG A 31 -3.03 -19.73 0.71
N TRP A 32 -3.54 -19.46 -0.48
CA TRP A 32 -4.61 -20.23 -1.13
C TRP A 32 -4.13 -21.46 -1.91
N ASN A 33 -2.87 -21.49 -2.38
CA ASN A 33 -2.26 -22.61 -3.14
C ASN A 33 -1.19 -23.39 -2.35
N SER A 34 -0.86 -22.93 -1.12
CA SER A 34 -0.06 -23.64 -0.10
C SER A 34 -0.56 -25.07 0.17
N THR B 1 -5.80 9.32 -12.51
CA THR B 1 -5.37 10.36 -13.48
C THR B 1 -6.21 10.39 -14.77
N ARG B 2 -7.53 10.12 -14.70
CA ARG B 2 -8.45 10.00 -15.88
C ARG B 2 -8.76 11.31 -16.61
N GLY B 3 -8.59 12.45 -15.94
CA GLY B 3 -8.82 13.80 -16.47
C GLY B 3 -8.71 14.87 -15.39
N THR B 4 -9.82 15.22 -14.74
CA THR B 4 -9.91 16.28 -13.69
C THR B 4 -9.58 15.74 -12.28
N THR B 5 -8.76 14.69 -12.22
CA THR B 5 -8.43 13.96 -10.98
C THR B 5 -6.95 13.53 -10.95
N ASP B 6 -6.16 13.97 -11.93
CA ASP B 6 -4.69 13.81 -12.04
C ASP B 6 -3.85 14.68 -11.08
N ASN B 7 -4.52 15.41 -10.17
CA ASN B 7 -3.87 16.18 -9.11
C ASN B 7 -4.12 15.59 -7.70
N LEU B 8 -5.02 14.61 -7.55
CA LEU B 8 -5.36 13.97 -6.28
C LEU B 8 -4.34 12.91 -5.82
N ILE B 9 -3.08 13.01 -6.27
CA ILE B 9 -2.00 12.09 -5.90
C ILE B 9 -1.72 12.08 -4.37
N PRO B 10 -1.60 13.23 -3.66
CA PRO B 10 -1.32 13.24 -2.22
C PRO B 10 -2.54 12.83 -1.37
N VAL B 11 -3.72 13.36 -1.69
CA VAL B 11 -5.01 12.99 -1.03
C VAL B 11 -5.31 11.50 -1.15
N TYR B 12 -5.06 10.88 -2.32
CA TYR B 12 -5.18 9.42 -2.43
C TYR B 12 -4.28 8.73 -1.41
N CYS B 13 -2.99 9.09 -1.35
CA CYS B 13 -2.07 8.51 -0.39
C CYS B 13 -2.55 8.60 1.08
N SER B 14 -3.26 9.67 1.45
CA SER B 14 -3.84 9.83 2.79
C SER B 14 -4.91 8.79 3.13
N ILE B 15 -6.01 8.74 2.37
CA ILE B 15 -7.10 7.78 2.58
C ILE B 15 -6.66 6.34 2.27
N LEU B 16 -5.82 6.16 1.24
CA LEU B 16 -5.28 4.88 0.82
C LEU B 16 -4.37 4.31 1.90
N ALA B 17 -3.46 5.09 2.50
CA ALA B 17 -2.65 4.63 3.63
C ALA B 17 -3.51 4.16 4.82
N ALA B 18 -4.56 4.91 5.19
CA ALA B 18 -5.45 4.54 6.28
C ALA B 18 -6.29 3.27 5.98
N VAL B 19 -6.83 3.16 4.75
CA VAL B 19 -7.62 2.01 4.29
C VAL B 19 -6.75 0.77 4.13
N VAL B 20 -5.65 0.85 3.37
CA VAL B 20 -4.70 -0.24 3.10
C VAL B 20 -4.06 -0.80 4.37
N VAL B 21 -3.70 0.05 5.35
CA VAL B 21 -3.21 -0.39 6.67
C VAL B 21 -4.26 -1.21 7.42
N GLY B 22 -5.50 -0.73 7.50
CA GLY B 22 -6.58 -1.50 8.12
C GLY B 22 -6.90 -2.81 7.36
N LEU B 23 -6.77 -2.78 6.03
CA LEU B 23 -6.95 -3.95 5.16
C LEU B 23 -5.84 -4.99 5.33
N VAL B 24 -4.59 -4.59 5.63
CA VAL B 24 -3.45 -5.53 5.77
C VAL B 24 -3.71 -6.56 6.87
N ALA B 25 -4.40 -6.18 7.94
CA ALA B 25 -4.80 -7.08 9.01
C ALA B 25 -6.01 -7.94 8.62
N TYR B 26 -7.02 -7.35 7.97
CA TYR B 26 -8.25 -8.04 7.57
C TYR B 26 -8.03 -9.08 6.46
N ILE B 27 -7.46 -8.66 5.32
CA ILE B 27 -7.15 -9.52 4.16
C ILE B 27 -6.22 -10.65 4.58
N ALA B 28 -5.15 -10.36 5.33
CA ALA B 28 -4.28 -11.41 5.85
C ALA B 28 -5.07 -12.41 6.70
N PHE B 29 -5.85 -11.96 7.67
CA PHE B 29 -6.61 -12.88 8.52
C PHE B 29 -7.64 -13.72 7.74
N LYS B 30 -8.34 -13.12 6.76
CA LYS B 30 -9.25 -13.81 5.83
C LYS B 30 -8.54 -14.85 4.96
N ARG B 31 -7.40 -14.52 4.37
CA ARG B 31 -6.59 -15.47 3.58
C ARG B 31 -5.89 -16.54 4.43
N TRP B 32 -5.61 -16.26 5.71
CA TRP B 32 -5.01 -17.21 6.64
C TRP B 32 -6.03 -18.25 7.15
N ASN B 33 -7.26 -17.82 7.48
CA ASN B 33 -8.31 -18.73 7.95
C ASN B 33 -8.97 -19.54 6.83
N SER B 34 -8.85 -19.09 5.57
CA SER B 34 -9.32 -19.80 4.35
C SER B 34 -8.69 -21.20 4.20
N THR A 1 24.41 11.83 8.68
CA THR A 1 23.43 10.74 8.50
C THR A 1 22.06 11.04 9.16
N ARG A 2 21.39 12.12 8.69
CA ARG A 2 20.02 12.51 9.13
C ARG A 2 19.08 12.69 7.93
N GLY A 3 19.61 13.25 6.84
CA GLY A 3 18.89 13.40 5.55
C GLY A 3 18.71 12.11 4.73
N THR A 4 19.24 10.98 5.21
CA THR A 4 19.28 9.69 4.46
C THR A 4 18.89 8.48 5.34
N THR A 5 18.10 8.73 6.38
CA THR A 5 17.59 7.70 7.32
C THR A 5 16.18 8.03 7.85
N ASP A 6 15.89 9.31 8.12
CA ASP A 6 14.57 9.80 8.61
C ASP A 6 13.95 10.90 7.74
N ASN A 7 14.56 11.13 6.58
CA ASN A 7 14.02 12.01 5.52
C ASN A 7 13.41 11.20 4.35
N LEU A 8 13.27 9.87 4.52
CA LEU A 8 12.70 8.95 3.53
C LEU A 8 11.16 8.97 3.55
N ILE A 9 10.54 9.93 4.26
CA ILE A 9 9.08 10.05 4.38
C ILE A 9 8.33 10.25 3.02
N PRO A 10 8.74 11.19 2.14
CA PRO A 10 8.12 11.34 0.82
C PRO A 10 8.45 10.13 -0.08
N VAL A 11 9.67 9.60 -0.01
CA VAL A 11 10.09 8.45 -0.84
C VAL A 11 9.39 7.16 -0.42
N TYR A 12 9.13 6.97 0.88
CA TYR A 12 8.42 5.80 1.42
C TYR A 12 7.04 5.70 0.80
N CYS A 13 6.22 6.76 0.80
CA CYS A 13 4.88 6.69 0.19
C CYS A 13 4.89 6.12 -1.25
N SER A 14 5.94 6.42 -2.03
CA SER A 14 6.12 5.88 -3.38
C SER A 14 6.49 4.39 -3.39
N ILE A 15 7.62 4.00 -2.77
CA ILE A 15 8.08 2.60 -2.75
C ILE A 15 7.13 1.69 -1.97
N LEU A 16 6.56 2.18 -0.87
CA LEU A 16 5.61 1.45 -0.02
C LEU A 16 4.31 1.19 -0.78
N ALA A 17 3.81 2.15 -1.57
CA ALA A 17 2.66 1.91 -2.46
C ALA A 17 2.93 0.80 -3.48
N ALA A 18 4.13 0.77 -4.08
CA ALA A 18 4.49 -0.28 -5.05
C ALA A 18 4.68 -1.66 -4.37
N VAL A 19 5.39 -1.68 -3.24
CA VAL A 19 5.67 -2.90 -2.44
C VAL A 19 4.40 -3.49 -1.84
N VAL A 20 3.59 -2.68 -1.15
CA VAL A 20 2.35 -3.10 -0.48
C VAL A 20 1.30 -3.61 -1.50
N VAL A 21 1.14 -2.95 -2.66
CA VAL A 21 0.26 -3.43 -3.75
C VAL A 21 0.73 -4.78 -4.30
N GLY A 22 2.02 -4.92 -4.58
CA GLY A 22 2.60 -6.20 -5.01
C GLY A 22 2.41 -7.28 -3.94
N LEU A 23 2.56 -6.92 -2.66
CA LEU A 23 2.34 -7.82 -1.53
C LEU A 23 0.90 -8.32 -1.45
N VAL A 24 -0.09 -7.43 -1.61
CA VAL A 24 -1.52 -7.83 -1.56
C VAL A 24 -1.83 -8.96 -2.53
N ALA A 25 -1.38 -8.87 -3.79
CA ALA A 25 -1.55 -9.95 -4.76
C ALA A 25 -0.65 -11.17 -4.46
N TYR A 26 0.62 -10.94 -4.10
CA TYR A 26 1.59 -12.02 -3.86
C TYR A 26 1.25 -12.87 -2.63
N ILE A 27 1.12 -12.23 -1.46
CA ILE A 27 0.79 -12.89 -0.18
C ILE A 27 -0.53 -13.65 -0.29
N ALA A 28 -1.55 -13.03 -0.92
CA ALA A 28 -2.84 -13.68 -1.12
C ALA A 28 -2.69 -14.95 -1.98
N PHE A 29 -2.00 -14.84 -3.12
CA PHE A 29 -1.79 -15.99 -4.00
C PHE A 29 -0.92 -17.09 -3.35
N LYS A 30 0.10 -16.71 -2.57
CA LYS A 30 0.90 -17.65 -1.76
C LYS A 30 0.03 -18.41 -0.76
N ARG A 31 -0.85 -17.73 0.00
CA ARG A 31 -1.72 -18.40 0.99
C ARG A 31 -2.90 -19.15 0.35
N TRP A 32 -3.30 -18.76 -0.87
CA TRP A 32 -4.31 -19.47 -1.66
C TRP A 32 -3.77 -20.71 -2.42
N ASN A 33 -2.48 -20.74 -2.76
CA ASN A 33 -1.87 -21.84 -3.53
C ASN A 33 -0.91 -22.72 -2.69
N SER A 34 -0.65 -22.33 -1.44
CA SER A 34 0.04 -23.12 -0.39
C SER A 34 -0.57 -24.51 -0.21
N THR B 1 -4.51 15.82 -17.62
CA THR B 1 -3.86 16.77 -16.68
C THR B 1 -4.70 18.03 -16.38
N ARG B 2 -6.03 17.87 -16.23
CA ARG B 2 -6.97 18.96 -15.88
C ARG B 2 -6.77 19.57 -14.49
N GLY B 3 -6.08 18.85 -13.59
CA GLY B 3 -5.79 19.30 -12.23
C GLY B 3 -6.80 18.84 -11.16
N THR B 4 -7.85 18.11 -11.57
CA THR B 4 -8.96 17.65 -10.71
C THR B 4 -9.29 16.16 -10.94
N THR B 5 -8.29 15.38 -11.39
CA THR B 5 -8.37 13.92 -11.62
C THR B 5 -7.02 13.25 -11.29
N ASP B 6 -5.91 13.88 -11.70
CA ASP B 6 -4.54 13.37 -11.58
C ASP B 6 -3.65 14.23 -10.66
N ASN B 7 -4.30 15.02 -9.81
CA ASN B 7 -3.67 15.84 -8.75
C ASN B 7 -4.00 15.31 -7.34
N LEU B 8 -4.68 14.16 -7.24
CA LEU B 8 -5.00 13.47 -6.00
C LEU B 8 -3.80 12.63 -5.46
N ILE B 9 -2.58 12.87 -5.94
CA ILE B 9 -1.36 12.20 -5.44
C ILE B 9 -1.11 12.35 -3.91
N PRO B 10 -1.13 13.57 -3.33
CA PRO B 10 -0.95 13.75 -1.89
C PRO B 10 -2.16 13.21 -1.10
N VAL B 11 -3.38 13.44 -1.61
CA VAL B 11 -4.62 12.99 -0.92
C VAL B 11 -4.74 11.47 -0.92
N TYR B 12 -4.35 10.79 -2.00
CA TYR B 12 -4.30 9.32 -2.08
C TYR B 12 -3.38 8.78 -1.00
N CYS B 13 -2.15 9.29 -0.85
CA CYS B 13 -1.23 8.82 0.18
C CYS B 13 -1.84 8.83 1.61
N SER B 14 -2.79 9.73 1.87
CA SER B 14 -3.57 9.76 3.13
C SER B 14 -4.67 8.70 3.18
N ILE B 15 -5.66 8.75 2.28
CA ILE B 15 -6.81 7.80 2.27
C ILE B 15 -6.38 6.36 2.02
N LEU B 16 -5.41 6.17 1.12
CA LEU B 16 -4.87 4.86 0.77
C LEU B 16 -4.10 4.29 1.97
N ALA B 17 -3.27 5.07 2.66
CA ALA B 17 -2.64 4.60 3.90
C ALA B 17 -3.67 4.19 4.97
N ALA B 18 -4.74 4.97 5.17
CA ALA B 18 -5.78 4.63 6.15
C ALA B 18 -6.59 3.38 5.76
N VAL B 19 -6.97 3.25 4.49
CA VAL B 19 -7.71 2.09 3.94
C VAL B 19 -6.84 0.84 3.92
N VAL B 20 -5.66 0.91 3.30
CA VAL B 20 -4.70 -0.20 3.14
C VAL B 20 -4.20 -0.71 4.50
N VAL B 21 -3.96 0.15 5.50
CA VAL B 21 -3.63 -0.30 6.88
C VAL B 21 -4.74 -1.12 7.51
N GLY B 22 -5.99 -0.67 7.43
CA GLY B 22 -7.13 -1.44 7.94
C GLY B 22 -7.33 -2.75 7.16
N LEU B 23 -7.07 -2.71 5.86
CA LEU B 23 -7.14 -3.87 4.98
C LEU B 23 -6.03 -4.90 5.25
N VAL B 24 -4.82 -4.46 5.64
CA VAL B 24 -3.66 -5.37 5.86
C VAL B 24 -3.96 -6.41 6.94
N ALA B 25 -4.74 -6.03 7.95
CA ALA B 25 -5.21 -6.93 9.00
C ALA B 25 -6.37 -7.83 8.52
N TYR B 26 -7.33 -7.26 7.79
CA TYR B 26 -8.52 -8.00 7.31
C TYR B 26 -8.17 -9.03 6.23
N ILE B 27 -7.53 -8.58 5.14
CA ILE B 27 -7.15 -9.42 3.99
C ILE B 27 -6.21 -10.55 4.44
N ALA B 28 -5.22 -10.24 5.29
CA ALA B 28 -4.34 -11.27 5.86
C ALA B 28 -5.16 -12.29 6.66
N PHE B 29 -6.01 -11.85 7.59
CA PHE B 29 -6.79 -12.79 8.40
C PHE B 29 -7.76 -13.65 7.55
N LYS B 30 -8.39 -13.06 6.52
CA LYS B 30 -9.22 -13.77 5.54
C LYS B 30 -8.42 -14.82 4.75
N ARG B 31 -7.24 -14.46 4.21
CA ARG B 31 -6.37 -15.42 3.49
C ARG B 31 -5.70 -16.46 4.39
N TRP B 32 -5.50 -16.15 5.68
CA TRP B 32 -4.94 -17.09 6.66
C TRP B 32 -5.98 -18.11 7.14
N ASN B 33 -7.23 -17.69 7.41
CA ASN B 33 -8.32 -18.59 7.82
C ASN B 33 -8.91 -19.42 6.65
N SER B 34 -8.75 -18.95 5.41
CA SER B 34 -9.13 -19.66 4.18
C SER B 34 -8.45 -21.05 4.07
N THR A 1 24.28 12.24 7.79
CA THR A 1 23.41 11.04 7.67
C THR A 1 22.04 11.27 8.34
N ARG A 2 21.28 12.31 7.91
CA ARG A 2 19.91 12.61 8.35
C ARG A 2 18.96 12.79 7.16
N GLY A 3 19.44 13.43 6.09
CA GLY A 3 18.74 13.57 4.81
C GLY A 3 18.72 12.34 3.89
N THR A 4 19.22 11.17 4.35
CA THR A 4 19.34 9.93 3.54
C THR A 4 18.90 8.69 4.33
N THR A 5 18.14 8.92 5.42
CA THR A 5 17.67 7.84 6.31
C THR A 5 16.25 8.11 6.83
N ASP A 6 15.91 9.36 7.14
CA ASP A 6 14.57 9.75 7.60
C ASP A 6 13.97 10.86 6.73
N ASN A 7 14.48 11.02 5.50
CA ASN A 7 13.95 11.91 4.48
C ASN A 7 13.34 11.17 3.28
N LEU A 8 13.22 9.84 3.39
CA LEU A 8 12.57 8.97 2.43
C LEU A 8 11.03 8.98 2.61
N ILE A 9 10.44 9.96 3.30
CA ILE A 9 8.98 10.06 3.52
C ILE A 9 8.17 10.24 2.21
N PRO A 10 8.51 11.16 1.29
CA PRO A 10 7.81 11.28 0.01
C PRO A 10 8.12 10.07 -0.90
N VAL A 11 9.36 9.57 -0.88
CA VAL A 11 9.76 8.41 -1.71
C VAL A 11 9.09 7.11 -1.25
N TYR A 12 8.90 6.91 0.07
CA TYR A 12 8.22 5.75 0.64
C TYR A 12 6.81 5.63 0.09
N CYS A 13 5.99 6.69 0.13
CA CYS A 13 4.63 6.61 -0.41
C CYS A 13 4.57 6.04 -1.85
N SER A 14 5.57 6.36 -2.69
CA SER A 14 5.68 5.79 -4.04
C SER A 14 6.06 4.30 -4.05
N ILE A 15 7.22 3.92 -3.49
CA ILE A 15 7.68 2.52 -3.50
C ILE A 15 6.78 1.61 -2.67
N LEU A 16 6.27 2.09 -1.54
CA LEU A 16 5.36 1.38 -0.64
C LEU A 16 4.01 1.14 -1.33
N ALA A 17 3.45 2.11 -2.06
CA ALA A 17 2.26 1.86 -2.89
C ALA A 17 2.49 0.76 -3.95
N ALA A 18 3.65 0.73 -4.63
CA ALA A 18 3.94 -0.33 -5.59
C ALA A 18 4.19 -1.71 -4.93
N VAL A 19 4.96 -1.75 -3.83
CA VAL A 19 5.26 -2.97 -3.08
C VAL A 19 4.01 -3.53 -2.40
N VAL A 20 3.26 -2.72 -1.65
CA VAL A 20 2.04 -3.15 -0.93
C VAL A 20 0.95 -3.65 -1.88
N VAL A 21 0.73 -2.98 -3.02
CA VAL A 21 -0.22 -3.44 -4.06
C VAL A 21 0.20 -4.79 -4.65
N GLY A 22 1.48 -4.94 -5.02
CA GLY A 22 2.02 -6.23 -5.48
C GLY A 22 1.89 -7.31 -4.41
N LEU A 23 2.12 -6.97 -3.13
CA LEU A 23 1.96 -7.88 -2.01
C LEU A 23 0.50 -8.35 -1.85
N VAL A 24 -0.50 -7.47 -1.94
CA VAL A 24 -1.92 -7.85 -1.80
C VAL A 24 -2.29 -8.97 -2.76
N ALA A 25 -1.93 -8.86 -4.03
CA ALA A 25 -2.17 -9.93 -5.01
C ALA A 25 -1.25 -11.15 -4.78
N TYR A 26 0.06 -10.94 -4.52
CA TYR A 26 1.02 -12.04 -4.34
C TYR A 26 0.75 -12.89 -3.09
N ILE A 27 0.69 -12.27 -1.90
CA ILE A 27 0.44 -12.95 -0.62
C ILE A 27 -0.89 -13.70 -0.65
N ALA A 28 -1.94 -13.07 -1.19
CA ALA A 28 -3.23 -13.69 -1.35
C ALA A 28 -3.17 -14.93 -2.25
N PHE A 29 -2.56 -14.82 -3.43
CA PHE A 29 -2.36 -15.96 -4.34
C PHE A 29 -1.50 -17.06 -3.71
N LYS A 30 -0.42 -16.72 -3.00
CA LYS A 30 0.42 -17.68 -2.26
C LYS A 30 -0.39 -18.44 -1.21
N ARG A 31 -1.22 -17.76 -0.41
CA ARG A 31 -2.06 -18.42 0.61
C ARG A 31 -3.28 -19.14 0.03
N TRP A 32 -3.70 -18.80 -1.19
CA TRP A 32 -4.75 -19.49 -1.93
C TRP A 32 -4.27 -20.70 -2.74
N ASN A 33 -3.01 -20.75 -3.18
CA ASN A 33 -2.44 -21.86 -3.96
C ASN A 33 -1.44 -22.73 -3.16
N SER A 34 -1.14 -22.36 -1.92
CA SER A 34 -0.33 -23.13 -0.94
C SER A 34 -0.87 -24.55 -0.71
N THR B 1 -8.09 14.36 -20.48
CA THR B 1 -8.44 14.74 -19.07
C THR B 1 -7.85 13.78 -18.02
N ARG B 2 -6.69 13.14 -18.26
CA ARG B 2 -6.04 12.25 -17.26
C ARG B 2 -5.22 13.03 -16.22
N GLY B 3 -4.37 13.95 -16.67
CA GLY B 3 -3.54 14.82 -15.80
C GLY B 3 -4.30 15.86 -14.96
N THR B 4 -5.60 16.03 -15.17
CA THR B 4 -6.44 17.07 -14.52
C THR B 4 -7.62 16.45 -13.76
N THR B 5 -7.51 15.16 -13.44
CA THR B 5 -8.52 14.38 -12.69
C THR B 5 -7.87 13.57 -11.58
N ASP B 6 -6.76 12.88 -11.87
CA ASP B 6 -5.96 12.17 -10.86
C ASP B 6 -4.99 13.07 -10.08
N ASN B 7 -5.14 14.40 -10.12
CA ASN B 7 -4.26 15.32 -9.38
C ASN B 7 -4.27 15.09 -7.85
N LEU B 8 -5.29 14.38 -7.34
CA LEU B 8 -5.43 13.85 -5.99
C LEU B 8 -4.29 12.91 -5.47
N ILE B 9 -3.08 12.91 -6.06
CA ILE B 9 -1.91 12.13 -5.61
C ILE B 9 -1.54 12.32 -4.12
N PRO B 10 -1.41 13.56 -3.57
CA PRO B 10 -1.07 13.76 -2.15
C PRO B 10 -2.23 13.34 -1.22
N VAL B 11 -3.46 13.53 -1.67
CA VAL B 11 -4.67 13.15 -0.90
C VAL B 11 -4.85 11.63 -0.86
N TYR B 12 -4.55 10.93 -1.96
CA TYR B 12 -4.63 9.47 -2.06
C TYR B 12 -3.71 8.82 -1.04
N CYS B 13 -2.45 9.24 -0.93
CA CYS B 13 -1.53 8.69 0.05
C CYS B 13 -2.06 8.73 1.50
N SER B 14 -2.89 9.73 1.85
CA SER B 14 -3.57 9.79 3.15
C SER B 14 -4.68 8.73 3.31
N ILE B 15 -5.73 8.78 2.47
CA ILE B 15 -6.86 7.84 2.56
C ILE B 15 -6.44 6.40 2.25
N LEU B 16 -5.53 6.21 1.29
CA LEU B 16 -5.00 4.92 0.89
C LEU B 16 -4.16 4.34 2.03
N ALA B 17 -3.26 5.10 2.69
CA ALA B 17 -2.56 4.60 3.88
C ALA B 17 -3.54 4.19 4.99
N ALA B 18 -4.59 4.96 5.28
CA ALA B 18 -5.57 4.59 6.31
C ALA B 18 -6.41 3.34 5.94
N VAL B 19 -6.86 3.23 4.68
CA VAL B 19 -7.64 2.09 4.18
C VAL B 19 -6.75 0.85 4.07
N VAL B 20 -5.62 0.92 3.38
CA VAL B 20 -4.67 -0.18 3.17
C VAL B 20 -4.10 -0.73 4.49
N VAL B 21 -3.81 0.11 5.48
CA VAL B 21 -3.39 -0.35 6.83
C VAL B 21 -4.47 -1.18 7.52
N GLY B 22 -5.74 -0.72 7.52
CA GLY B 22 -6.86 -1.50 8.08
C GLY B 22 -7.12 -2.79 7.29
N LEU B 23 -6.93 -2.74 5.97
CA LEU B 23 -7.05 -3.90 5.09
C LEU B 23 -5.92 -4.92 5.29
N VAL B 24 -4.68 -4.51 5.59
CA VAL B 24 -3.53 -5.44 5.75
C VAL B 24 -3.79 -6.48 6.83
N ALA B 25 -4.50 -6.10 7.89
CA ALA B 25 -4.93 -7.00 8.96
C ALA B 25 -6.13 -7.86 8.53
N TYR B 26 -7.14 -7.28 7.87
CA TYR B 26 -8.35 -8.01 7.44
C TYR B 26 -8.07 -9.01 6.32
N ILE B 27 -7.50 -8.57 5.19
CA ILE B 27 -7.19 -9.41 4.03
C ILE B 27 -6.24 -10.55 4.40
N ALA B 28 -5.19 -10.27 5.18
CA ALA B 28 -4.31 -11.30 5.70
C ALA B 28 -5.08 -12.31 6.55
N PHE B 29 -5.87 -11.89 7.55
CA PHE B 29 -6.63 -12.83 8.38
C PHE B 29 -7.65 -13.66 7.57
N LYS B 30 -8.32 -13.05 6.58
CA LYS B 30 -9.22 -13.73 5.65
C LYS B 30 -8.50 -14.78 4.79
N ARG B 31 -7.35 -14.44 4.19
CA ARG B 31 -6.55 -15.41 3.41
C ARG B 31 -5.87 -16.47 4.27
N TRP B 32 -5.57 -16.19 5.54
CA TRP B 32 -4.96 -17.14 6.49
C TRP B 32 -5.99 -18.14 7.03
N ASN B 33 -7.20 -17.70 7.38
CA ASN B 33 -8.28 -18.59 7.84
C ASN B 33 -9.00 -19.36 6.70
N SER B 34 -8.71 -19.02 5.44
CA SER B 34 -9.23 -19.69 4.22
C SER B 34 -8.72 -21.11 4.00
#